data_8YH3
#
_entry.id   8YH3
#
_cell.length_a   1.00
_cell.length_b   1.00
_cell.length_c   1.00
_cell.angle_alpha   90.00
_cell.angle_beta   90.00
_cell.angle_gamma   90.00
#
_symmetry.space_group_name_H-M   'P 1'
#
loop_
_entity.id
_entity.type
_entity.pdbx_description
1 polymer 'Guanine nucleotide-binding protein G(I)/G(S)/G(T) subunit beta-1'
2 polymer 'Hemagglutinin,Adenosine receptor A3,GFP chimera'
3 polymer 'Guanine nucleotide-binding protein G(I)/G(S)/G(O) subunit gamma-2,Guanine nucleotide-binding protein G(i) subunit alpha-1 chimera'
4 polymer scfv16
5 non-polymer N-methyladenosine
#
loop_
_entity_poly.entity_id
_entity_poly.type
_entity_poly.pdbx_seq_one_letter_code
_entity_poly.pdbx_strand_id
1 'polypeptide(L)'
;MGSLLQSELDQLRQEAEQLKNQIRDARKACADATLSQITNNIDPVGRIQMRTRRTLRGHLAKIYAMHWGTDSRLLVSASQ
DGKLIIWDSYTTNKVHAIPLRSSWVMTCAYAPSGNYVACGGLDNICSIYNLKTREGNVRVSRELAGHTGYLSCCRFLDDN
QIVTSSGDTTCALWDIETGQQTTTFTGHTGDVMSLSLAPDTRLFVSGACDASAKLWDVREGMCRQTFTGHESDINAICFF
PNGNAFATGSDDATCRLFDLRADQELMTYSHDNIICGITSVSFSKSGRLLLAGYDDFNCNVWDALKADRAGVLAGHDNRV
SCLGVTDDGMAVATGSWDSFLKIWNGASGGGSGGNSGSSGGSSGVSGWRLFKKIS
;
B
2 'polypeptide(L)'
;MKTIIALSYIFCLVFADYKDDDDAMGPVNSTAVSWTSVTYITVEILIGLCAIVGNVLVIWVVKLNPSLQTTTFYFIVSLA
LADIAVGVLVMPLAIVISLGVTIHFYSCLFMTCLMLIFTHASIMSLLAIAVDRYLRVKLTVRYRRVTTQRRIWLALGLCW
LVSFLVGLTPMFGWNMKLSSADENLTFLPCRFRSVMRMDYMVYFSFFLWILVPLVVMCAIYFDIFYIIRNRLSQSFSGSR
ETGAFYGREFKTAKSLLLVLFLFALCWLPLSIINCILYFDGQVPQTVLYLGILLSHANSMMNPIVYAYKIKKFKETYLLI
LKACVICQPSKSMDPSTEQTSEGSGGGGSGGSSSGGVFTLEDFVGDWEQTAAYNLDQVLEQGGVSSLLQNLAVSVTPIQR
IVRSGENALKIDIHVIIPYEGLSADQMAQIEEVFKVVYPVDDHHFKVILPYGTLVIDGVTPNMLNYFGRPYEGIAVFDGK
KITVTGTLWNGNKIIDERLITPDGSMLFRVTINSGGSGGGGSGGSSSGGLEVLFQGPGSAAAAVSKGEELFTGVVPILVE
LDGDVNGHKFSVSGEGEGDATYGKLTLKFICTTGKLPVPWPTLVTTLTYGVQCFSRYPDHMKQHDFFKSAMPEGYVQERT
IFFKDDGNYKTRAEVKFEGDTLVNRIELKGIDFKEDGNILGHKLEYNYNSHNVYIMADKQKNGIKVNFKIRHNIEDGSVQ
LADHYQQNTPIGDGPVLLPDNHYLSTQSKLSKDPNEKRDHMVLLEFVTAAGITLGMDELYKSGLRSHHHHHHHH
;
R
3 'polypeptide(L)'
;MASNNTASIAQARKLVEQLKMEANIDRIKVSKAAADLMAYCEAHAKEDPLLTPVPASENPFREKKFFCAILGSAGSAGSA
MCTLSAEDKAAVERSKMIDRNLREDGEKAAREVKLLLLGAGESGKSTIVKQMKIIHEAGYSEEECKQYKAVVYSNTIQSI
IAIIRAMGRLKIDFGDSARADDARQLFVLAGAAEEGFMTAELAGVIKRLWKDSGVQACFNRSREYQLNDSAAYYLNDLDR
IAQPNYIPTQQDVLRTRVKTTGIVETHFTFKDLHFKMFDVGGQRSERKKWIHCFEGVTAIIFCVALSDYDLVLAEDEEMN
RMHESMKLFDSICNNKWFTDTSIILFLNKKDLFEEKIKKSPLTICYPEYAGSNTYEEAAAYIQCQFEDLNKRKDTKEIYT
HFTCATDTKNVQFVFDAVTDVIIKNNLKDCGLF
;
A,G
4 'polypeptide(L)'
;DVQLVESGGGLVQPGGSRKLSCSASGFAFSSFGMHWVRQAPEKGLEWVAYISSGSGTIYYADTVKGRFTISRDDPKNTLF
LQMTSLRSEDTAMYYCVRSIYYYGSSPFDFWGQGTTLTVSSGGGGSGGGGSGGGGSDIVMTQATSSVPVTPGESVSISCR
SSKSLLHSNGNTYLYWFLQRPGQSPQLLIYRMSNLASGVPDRFSGSGSGTAFTLTISRLEAEDVGVYYCMQHLEYPLTFG
AGTKLELKAAAASSEDLYFQ
;
S
#
loop_
_chem_comp.id
_chem_comp.type
_chem_comp.name
_chem_comp.formula
6MD non-polymer N-methyladenosine 'C11 H15 N5 O4'
#
# COMPACT_ATOMS: atom_id res chain seq x y z
N ASP A 10 15.89 55.65 -12.17
CA ASP A 10 14.86 54.87 -11.43
C ASP A 10 15.09 54.99 -9.92
N GLN A 11 14.00 54.87 -9.15
CA GLN A 11 14.09 54.93 -7.70
C GLN A 11 13.57 53.66 -7.04
N LEU A 12 12.41 53.14 -7.45
CA LEU A 12 11.90 51.92 -6.84
C LEU A 12 12.70 50.71 -7.31
N ARG A 13 12.98 50.60 -8.61
CA ARG A 13 13.83 49.51 -9.08
C ARG A 13 15.24 49.66 -8.53
N GLN A 14 15.78 50.89 -8.56
CA GLN A 14 17.12 51.13 -8.02
C GLN A 14 17.14 50.83 -6.53
N GLU A 15 16.11 51.25 -5.80
CA GLU A 15 16.06 50.98 -4.36
C GLU A 15 16.04 49.48 -4.08
N ALA A 16 15.21 48.74 -4.81
CA ALA A 16 15.14 47.30 -4.61
C ALA A 16 16.49 46.64 -4.91
N GLU A 17 17.09 47.00 -6.03
CA GLU A 17 18.35 46.38 -6.44
C GLU A 17 19.45 46.69 -5.41
N GLN A 18 19.60 47.97 -5.05
CA GLN A 18 20.66 48.34 -4.11
C GLN A 18 20.43 47.70 -2.75
N LEU A 19 19.18 47.66 -2.28
CA LEU A 19 18.88 46.99 -1.03
C LEU A 19 19.37 45.56 -1.13
N LYS A 20 18.73 44.76 -2.00
CA LYS A 20 19.07 43.34 -2.06
C LYS A 20 20.59 43.15 -2.14
N ASN A 21 21.24 43.92 -3.01
CA ASN A 21 22.68 43.74 -3.19
C ASN A 21 23.45 44.01 -1.90
N GLN A 22 23.10 45.10 -1.20
CA GLN A 22 23.91 45.47 -0.03
C GLN A 22 23.62 44.55 1.16
N ILE A 23 22.35 44.15 1.35
CA ILE A 23 22.06 43.18 2.41
C ILE A 23 22.80 41.87 2.13
N ARG A 24 22.75 41.39 0.89
CA ARG A 24 23.41 40.12 0.58
C ARG A 24 24.92 40.24 0.71
N ASP A 25 25.48 41.37 0.29
CA ASP A 25 26.92 41.56 0.42
C ASP A 25 27.35 41.60 1.88
N ALA A 26 26.59 42.30 2.73
CA ALA A 26 26.90 42.31 4.15
C ALA A 26 26.77 40.92 4.75
N ARG A 27 25.74 40.18 4.36
CA ARG A 27 25.58 38.81 4.85
C ARG A 27 26.76 37.94 4.48
N LYS A 28 27.21 38.05 3.23
CA LYS A 28 28.37 37.28 2.79
C LYS A 28 29.64 37.69 3.53
N ALA A 29 29.83 39.01 3.70
CA ALA A 29 31.05 39.49 4.35
C ALA A 29 31.11 39.05 5.80
N CYS A 30 30.00 39.14 6.52
CA CYS A 30 29.97 38.74 7.93
C CYS A 30 29.85 37.23 8.09
N ALA A 31 29.63 36.48 7.02
CA ALA A 31 29.68 35.04 7.11
C ALA A 31 31.07 34.58 7.51
N ASP A 32 31.14 33.71 8.52
CA ASP A 32 32.42 33.30 9.09
C ASP A 32 32.93 32.00 8.45
N ALA A 33 32.13 30.93 8.53
CA ALA A 33 32.55 29.65 7.99
C ALA A 33 31.31 28.80 7.75
N THR A 34 31.48 27.76 6.94
CA THR A 34 30.39 26.84 6.62
C THR A 34 30.22 25.82 7.74
N LEU A 35 29.17 24.99 7.58
CA LEU A 35 28.90 23.97 8.59
C LEU A 35 30.03 22.97 8.69
N SER A 36 30.59 22.56 7.56
CA SER A 36 31.66 21.56 7.57
C SER A 36 32.93 22.10 8.23
N GLN A 37 33.19 23.41 8.08
CA GLN A 37 34.45 23.97 8.57
C GLN A 37 34.56 23.87 10.08
N ILE A 38 33.45 23.95 10.81
CA ILE A 38 33.47 23.94 12.27
C ILE A 38 33.38 22.54 12.85
N THR A 39 32.98 21.54 12.05
CA THR A 39 32.82 20.17 12.53
C THR A 39 33.83 19.22 11.90
N ASN A 40 34.93 19.74 11.35
CA ASN A 40 35.92 18.87 10.74
C ASN A 40 36.57 17.96 11.77
N ASN A 41 36.75 18.45 13.00
CA ASN A 41 37.37 17.63 14.05
C ASN A 41 36.42 16.57 14.59
N ILE A 42 35.12 16.72 14.37
CA ILE A 42 34.14 15.79 14.90
C ILE A 42 34.18 14.48 14.12
N ASP A 43 34.15 13.37 14.84
CA ASP A 43 34.20 12.06 14.20
C ASP A 43 32.87 11.77 13.49
N PRO A 44 32.88 10.90 12.47
CA PRO A 44 31.64 10.60 11.76
C PRO A 44 30.73 9.63 12.53
N VAL A 45 29.61 9.26 11.91
CA VAL A 45 28.68 8.32 12.52
C VAL A 45 28.93 6.88 12.11
N GLY A 46 29.73 6.64 11.07
CA GLY A 46 29.86 5.32 10.51
C GLY A 46 28.75 5.04 9.50
N ARG A 47 28.55 3.77 9.20
CA ARG A 47 27.53 3.33 8.26
C ARG A 47 26.25 3.04 9.04
N ILE A 48 25.17 3.71 8.67
CA ILE A 48 23.87 3.54 9.35
C ILE A 48 23.18 2.38 8.65
N GLN A 49 23.51 1.17 9.09
CA GLN A 49 22.91 -0.04 8.55
C GLN A 49 21.59 -0.29 9.27
N MET A 50 20.49 -0.15 8.56
CA MET A 50 19.15 -0.29 9.13
C MET A 50 18.38 -1.36 8.39
N ARG A 51 17.67 -2.19 9.16
CA ARG A 51 16.91 -3.31 8.64
C ARG A 51 15.42 -3.01 8.67
N THR A 52 14.70 -3.62 7.73
CA THR A 52 13.25 -3.43 7.64
C THR A 52 12.59 -4.33 8.66
N ARG A 53 12.26 -3.75 9.82
CA ARG A 53 11.65 -4.54 10.89
C ARG A 53 10.21 -4.90 10.56
N ARG A 54 9.45 -3.96 10.02
CA ARG A 54 8.06 -4.18 9.65
C ARG A 54 7.84 -3.68 8.24
N THR A 55 6.94 -4.34 7.52
CA THR A 55 6.55 -3.94 6.18
C THR A 55 5.03 -3.86 6.13
N LEU A 56 4.50 -2.65 5.98
CA LEU A 56 3.06 -2.43 6.01
C LEU A 56 2.48 -2.68 4.63
N ARG A 57 1.78 -3.80 4.48
CA ARG A 57 1.11 -4.16 3.24
C ARG A 57 -0.38 -3.85 3.36
N GLY A 58 -0.98 -3.46 2.24
CA GLY A 58 -2.39 -3.12 2.23
C GLY A 58 -2.69 -1.95 1.32
N HIS A 59 -1.71 -1.07 1.12
CA HIS A 59 -1.86 0.00 0.14
C HIS A 59 -1.70 -0.57 -1.26
N LEU A 60 -2.62 -0.22 -2.15
CA LEU A 60 -2.69 -0.79 -3.49
C LEU A 60 -2.43 0.25 -4.57
N ALA A 61 -1.60 1.24 -4.27
CA ALA A 61 -1.25 2.29 -5.23
C ALA A 61 -0.07 3.05 -4.64
N LYS A 62 0.33 4.13 -5.30
CA LYS A 62 1.45 4.92 -4.83
C LYS A 62 1.13 5.61 -3.52
N ILE A 63 2.06 5.57 -2.58
CA ILE A 63 1.91 6.19 -1.27
C ILE A 63 2.52 7.58 -1.35
N TYR A 64 1.71 8.61 -1.07
CA TYR A 64 2.18 9.97 -1.29
C TYR A 64 2.60 10.67 0.00
N ALA A 65 1.84 10.51 1.08
CA ALA A 65 2.12 11.20 2.32
C ALA A 65 2.04 10.21 3.48
N MET A 66 2.74 10.55 4.56
CA MET A 66 2.76 9.72 5.76
C MET A 66 3.23 10.57 6.92
N HIS A 67 2.59 10.39 8.07
CA HIS A 67 2.89 11.18 9.25
C HIS A 67 2.77 10.31 10.49
N TRP A 68 3.78 10.39 11.35
CA TRP A 68 3.80 9.65 12.60
C TRP A 68 2.87 10.29 13.62
N GLY A 69 2.24 9.45 14.43
CA GLY A 69 1.52 9.94 15.59
C GLY A 69 2.46 10.33 16.71
N THR A 70 1.95 11.14 17.64
CA THR A 70 2.80 11.64 18.72
C THR A 70 3.19 10.56 19.71
N ASP A 71 2.49 9.42 19.73
CA ASP A 71 2.83 8.32 20.61
C ASP A 71 3.96 7.46 20.07
N SER A 72 4.44 7.73 18.86
CA SER A 72 5.53 7.00 18.23
C SER A 72 5.17 5.54 17.95
N ARG A 73 3.88 5.21 17.90
CA ARG A 73 3.44 3.86 17.65
C ARG A 73 2.42 3.81 16.52
N LEU A 74 1.64 4.86 16.37
CA LEU A 74 0.61 4.94 15.35
C LEU A 74 1.11 5.71 14.13
N LEU A 75 0.66 5.28 12.96
CA LEU A 75 1.03 5.91 11.70
C LEU A 75 -0.23 6.22 10.93
N VAL A 76 -0.17 7.23 10.06
CA VAL A 76 -1.20 7.51 9.07
C VAL A 76 -0.51 7.69 7.73
N SER A 77 -1.03 7.02 6.70
CA SER A 77 -0.47 7.10 5.36
C SER A 77 -1.59 7.21 4.34
N ALA A 78 -1.39 8.02 3.31
CA ALA A 78 -2.36 8.19 2.24
C ALA A 78 -1.78 7.65 0.94
N SER A 79 -2.63 6.95 0.18
CA SER A 79 -2.22 6.36 -1.08
C SER A 79 -3.05 6.96 -2.23
N GLN A 80 -2.51 6.81 -3.44
CA GLN A 80 -3.19 7.25 -4.65
C GLN A 80 -4.52 6.52 -4.86
N ASP A 81 -4.72 5.38 -4.20
CA ASP A 81 -5.96 4.62 -4.27
C ASP A 81 -7.10 5.26 -3.48
N GLY A 82 -6.93 6.50 -3.02
CA GLY A 82 -7.96 7.17 -2.25
C GLY A 82 -8.22 6.50 -0.92
N LYS A 83 -7.16 6.18 -0.19
CA LYS A 83 -7.28 5.52 1.09
C LYS A 83 -6.27 6.09 2.07
N LEU A 84 -6.74 6.36 3.29
CA LEU A 84 -5.91 6.82 4.40
C LEU A 84 -5.92 5.74 5.46
N ILE A 85 -4.80 5.03 5.61
CA ILE A 85 -4.71 3.91 6.55
C ILE A 85 -3.96 4.37 7.79
N ILE A 86 -4.56 4.14 8.95
CA ILE A 86 -3.90 4.35 10.23
C ILE A 86 -3.44 2.99 10.74
N TRP A 87 -2.12 2.85 10.89
CA TRP A 87 -1.45 1.60 11.20
C TRP A 87 -0.98 1.60 12.64
N ASP A 88 -0.99 0.41 13.23
CA ASP A 88 -0.25 0.11 14.46
C ASP A 88 1.09 -0.47 14.01
N SER A 89 2.14 0.35 14.08
CA SER A 89 3.44 -0.07 13.56
C SER A 89 4.02 -1.23 14.35
N TYR A 90 3.74 -1.27 15.66
CA TYR A 90 4.33 -2.28 16.59
C TYR A 90 3.92 -3.69 16.19
N THR A 91 2.73 -3.88 15.63
CA THR A 91 2.21 -5.22 15.21
C THR A 91 1.79 -5.17 13.73
N THR A 92 1.98 -4.05 13.04
CA THR A 92 1.51 -3.87 11.64
C THR A 92 0.01 -4.20 11.66
N ASN A 93 -0.70 -3.78 12.70
CA ASN A 93 -2.15 -4.09 12.87
C ASN A 93 -2.99 -2.88 12.43
N LYS A 94 -3.56 -2.93 11.22
CA LYS A 94 -4.38 -1.82 10.67
C LYS A 94 -5.41 -1.39 11.71
N VAL A 95 -5.29 -0.16 12.24
CA VAL A 95 -6.23 0.38 13.20
C VAL A 95 -7.43 0.98 12.50
N HIS A 96 -7.20 1.79 11.47
CA HIS A 96 -8.32 2.44 10.78
C HIS A 96 -8.05 2.46 9.28
N ALA A 97 -9.14 2.49 8.51
CA ALA A 97 -9.08 2.66 7.06
C ALA A 97 -10.14 3.68 6.68
N ILE A 98 -9.71 4.90 6.37
CA ILE A 98 -10.60 6.00 6.03
C ILE A 98 -10.65 6.12 4.50
N PRO A 99 -11.82 5.95 3.87
CA PRO A 99 -11.92 6.21 2.43
C PRO A 99 -12.03 7.70 2.17
N LEU A 100 -10.98 8.27 1.58
CA LEU A 100 -10.96 9.69 1.28
C LEU A 100 -11.94 10.02 0.16
N ARG A 101 -12.46 11.26 0.19
CA ARG A 101 -13.44 11.67 -0.80
C ARG A 101 -12.81 11.89 -2.17
N SER A 102 -11.56 12.34 -2.20
CA SER A 102 -10.81 12.52 -3.44
C SER A 102 -9.61 11.60 -3.43
N SER A 103 -9.44 10.83 -4.51
CA SER A 103 -8.34 9.87 -4.57
C SER A 103 -6.99 10.54 -4.81
N TRP A 104 -6.97 11.81 -5.19
CA TRP A 104 -5.73 12.54 -5.47
C TRP A 104 -5.30 13.31 -4.22
N VAL A 105 -4.67 12.58 -3.31
CA VAL A 105 -4.26 13.10 -2.01
C VAL A 105 -2.74 13.13 -1.96
N MET A 106 -2.18 14.29 -1.57
CA MET A 106 -0.74 14.51 -1.61
C MET A 106 -0.13 14.80 -0.25
N THR A 107 -0.92 14.96 0.81
CA THR A 107 -0.38 15.31 2.11
C THR A 107 -1.18 14.62 3.20
N CYS A 108 -0.51 14.37 4.33
CA CYS A 108 -1.12 13.80 5.52
C CYS A 108 -0.64 14.56 6.75
N ALA A 109 -1.48 14.62 7.77
CA ALA A 109 -1.11 15.12 9.07
C ALA A 109 -1.83 14.33 10.14
N TYR A 110 -1.16 14.15 11.27
CA TYR A 110 -1.71 13.45 12.42
C TYR A 110 -1.76 14.46 13.57
N ALA A 111 -2.95 14.67 14.13
CA ALA A 111 -3.11 15.71 15.13
C ALA A 111 -2.24 15.41 16.35
N PRO A 112 -1.58 16.42 16.94
CA PRO A 112 -0.73 16.15 18.10
C PRO A 112 -1.47 15.50 19.26
N SER A 113 -2.74 15.83 19.45
CA SER A 113 -3.55 15.17 20.48
C SER A 113 -3.88 13.74 20.10
N GLY A 114 -3.98 13.43 18.81
CA GLY A 114 -4.31 12.10 18.35
C GLY A 114 -5.77 11.88 18.04
N ASN A 115 -6.60 12.93 18.07
CA ASN A 115 -8.02 12.78 17.83
C ASN A 115 -8.41 13.02 16.37
N TYR A 116 -7.53 13.63 15.57
CA TYR A 116 -7.88 14.05 14.23
C TYR A 116 -6.76 13.70 13.26
N VAL A 117 -7.12 13.56 11.99
CA VAL A 117 -6.15 13.40 10.91
C VAL A 117 -6.58 14.29 9.75
N ALA A 118 -5.60 14.93 9.10
CA ALA A 118 -5.87 15.84 8.00
C ALA A 118 -5.25 15.32 6.70
N CYS A 119 -5.96 15.57 5.60
CA CYS A 119 -5.51 15.14 4.28
C CYS A 119 -6.04 16.10 3.24
N GLY A 120 -5.61 15.88 2.00
CA GLY A 120 -6.09 16.64 0.87
C GLY A 120 -5.10 16.62 -0.26
N GLY A 121 -5.48 17.24 -1.38
CA GLY A 121 -4.65 17.18 -2.58
C GLY A 121 -5.16 18.06 -3.70
N LEU A 122 -5.19 17.50 -4.90
CA LEU A 122 -5.60 18.21 -6.10
C LEU A 122 -7.03 18.75 -6.03
N ASP A 123 -7.76 18.44 -4.96
CA ASP A 123 -9.11 18.96 -4.77
C ASP A 123 -9.13 20.34 -4.12
N ASN A 124 -7.97 20.87 -3.73
CA ASN A 124 -7.86 22.20 -3.14
C ASN A 124 -8.58 22.31 -1.79
N ILE A 125 -8.74 21.21 -1.08
CA ILE A 125 -9.45 21.18 0.19
C ILE A 125 -8.63 20.39 1.20
N CYS A 126 -8.63 20.88 2.44
CA CYS A 126 -8.00 20.17 3.56
C CYS A 126 -9.11 19.55 4.39
N SER A 127 -9.30 18.24 4.24
CA SER A 127 -10.30 17.53 5.02
C SER A 127 -9.71 17.06 6.33
N ILE A 128 -10.48 17.24 7.40
CA ILE A 128 -10.09 16.87 8.76
C ILE A 128 -11.09 15.86 9.27
N TYR A 129 -10.61 14.67 9.64
CA TYR A 129 -11.41 13.55 10.08
C TYR A 129 -11.21 13.33 11.57
N ASN A 130 -12.31 13.06 12.28
CA ASN A 130 -12.30 12.85 13.72
C ASN A 130 -12.17 11.35 14.01
N LEU A 131 -11.15 10.99 14.79
CA LEU A 131 -10.89 9.59 15.10
C LEU A 131 -11.63 9.10 16.33
N LYS A 132 -11.70 9.91 17.39
CA LYS A 132 -12.28 9.49 18.66
C LYS A 132 -13.74 9.94 18.72
N THR A 133 -14.60 9.16 18.07
CA THR A 133 -16.03 9.40 18.09
C THR A 133 -16.71 8.38 19.00
N ARG A 134 -17.94 8.70 19.40
CA ARG A 134 -18.73 7.80 20.22
C ARG A 134 -19.43 6.72 19.39
N GLU A 135 -19.39 6.83 18.06
CA GLU A 135 -20.07 5.89 17.19
C GLU A 135 -19.16 4.76 16.73
N GLY A 136 -17.88 4.77 17.10
CA GLY A 136 -16.99 3.69 16.76
C GLY A 136 -16.39 3.75 15.36
N ASN A 137 -16.59 4.84 14.63
CA ASN A 137 -16.06 5.01 13.29
C ASN A 137 -15.27 6.32 13.22
N VAL A 138 -14.80 6.63 12.02
CA VAL A 138 -14.08 7.88 11.74
C VAL A 138 -14.91 8.67 10.74
N ARG A 139 -15.15 9.94 11.05
CA ARG A 139 -16.00 10.80 10.23
C ARG A 139 -15.25 12.06 9.85
N VAL A 140 -15.77 12.73 8.82
CA VAL A 140 -15.21 13.99 8.34
C VAL A 140 -15.62 15.08 9.32
N SER A 141 -14.68 15.57 10.12
CA SER A 141 -15.00 16.64 11.06
C SER A 141 -15.24 17.94 10.31
N ARG A 142 -14.35 18.31 9.40
CA ARG A 142 -14.49 19.57 8.68
C ARG A 142 -13.78 19.48 7.33
N GLU A 143 -14.08 20.45 6.46
CA GLU A 143 -13.37 20.64 5.21
C GLU A 143 -13.00 22.11 5.07
N LEU A 144 -11.71 22.39 4.95
CA LEU A 144 -11.19 23.74 4.81
C LEU A 144 -10.98 24.04 3.33
N ALA A 145 -11.64 25.07 2.83
CA ALA A 145 -11.59 25.45 1.43
C ALA A 145 -11.24 26.93 1.30
N GLY A 146 -10.70 27.30 0.15
CA GLY A 146 -10.29 28.67 -0.11
C GLY A 146 -9.00 28.75 -0.90
N HIS A 147 -8.18 27.72 -0.83
CA HIS A 147 -6.99 27.65 -1.68
C HIS A 147 -7.39 27.45 -3.13
N THR A 148 -6.62 28.06 -4.04
CA THR A 148 -6.87 27.93 -5.46
C THR A 148 -6.00 26.88 -6.13
N GLY A 149 -4.76 26.70 -5.67
CA GLY A 149 -3.88 25.69 -6.21
C GLY A 149 -3.95 24.41 -5.39
N TYR A 150 -3.36 23.36 -5.94
CA TYR A 150 -3.41 22.06 -5.29
C TYR A 150 -2.84 22.15 -3.87
N LEU A 151 -3.18 21.15 -3.06
CA LEU A 151 -2.83 21.12 -1.65
C LEU A 151 -1.51 20.37 -1.49
N SER A 152 -0.45 21.09 -1.17
CA SER A 152 0.88 20.52 -1.06
C SER A 152 1.17 19.91 0.31
N CYS A 153 0.86 20.63 1.39
CA CYS A 153 1.16 20.14 2.72
C CYS A 153 0.22 20.80 3.73
N CYS A 154 0.07 20.16 4.88
CA CYS A 154 -0.78 20.65 5.95
C CYS A 154 -0.31 20.05 7.27
N ARG A 155 -0.32 20.87 8.32
CA ARG A 155 0.14 20.44 9.63
C ARG A 155 -0.73 21.06 10.72
N PHE A 156 -1.17 20.23 11.65
CA PHE A 156 -1.96 20.71 12.78
C PHE A 156 -1.10 21.54 13.72
N LEU A 157 -1.61 22.72 14.10
CA LEU A 157 -1.02 23.46 15.21
C LEU A 157 -1.62 23.04 16.54
N ASP A 158 -2.92 22.77 16.55
CA ASP A 158 -3.62 22.29 17.73
C ASP A 158 -4.84 21.49 17.25
N ASP A 159 -5.73 21.15 18.17
CA ASP A 159 -6.94 20.44 17.82
C ASP A 159 -7.94 21.30 17.06
N ASN A 160 -7.70 22.61 16.97
CA ASN A 160 -8.63 23.53 16.32
C ASN A 160 -7.91 24.54 15.42
N GLN A 161 -6.63 24.35 15.14
CA GLN A 161 -5.85 25.33 14.37
C GLN A 161 -4.82 24.59 13.53
N ILE A 162 -4.90 24.77 12.21
CA ILE A 162 -4.07 24.04 11.26
C ILE A 162 -3.46 25.04 10.28
N VAL A 163 -2.32 24.67 9.70
CA VAL A 163 -1.61 25.50 8.74
C VAL A 163 -1.44 24.71 7.45
N THR A 164 -1.59 25.39 6.31
CA THR A 164 -1.63 24.74 5.01
C THR A 164 -0.76 25.48 4.01
N SER A 165 -0.19 24.75 3.04
CA SER A 165 0.58 25.32 1.90
C SER A 165 -0.19 24.91 0.63
N SER A 166 -0.07 25.64 -0.48
CA SER A 166 -0.89 25.35 -1.69
C SER A 166 -0.18 25.77 -2.98
N GLY A 167 -0.66 25.26 -4.13
CA GLY A 167 -0.14 25.66 -5.45
C GLY A 167 -0.66 27.05 -5.76
N ASP A 168 -1.59 27.51 -4.92
CA ASP A 168 -2.12 28.91 -4.92
C ASP A 168 -0.95 29.86 -4.65
N THR A 169 0.26 29.32 -4.58
CA THR A 169 1.49 30.16 -4.47
C THR A 169 1.45 30.88 -3.11
N THR A 170 0.71 30.33 -2.14
CA THR A 170 0.46 30.98 -0.84
C THR A 170 0.46 29.93 0.28
N CYS A 171 0.19 30.37 1.51
CA CYS A 171 -0.13 29.43 2.63
C CYS A 171 -1.38 29.96 3.34
N ALA A 172 -1.93 29.23 4.32
CA ALA A 172 -3.15 29.65 5.00
C ALA A 172 -3.17 29.10 6.41
N LEU A 173 -3.43 29.98 7.37
CA LEU A 173 -3.70 29.58 8.75
C LEU A 173 -5.20 29.61 8.97
N TRP A 174 -5.77 28.46 9.32
CA TRP A 174 -7.21 28.30 9.46
C TRP A 174 -7.61 28.18 10.93
N ASP A 175 -8.91 28.33 11.16
CA ASP A 175 -9.54 28.05 12.46
C ASP A 175 -10.57 26.95 12.17
N ILE A 176 -10.27 25.74 12.63
CA ILE A 176 -11.06 24.57 12.22
C ILE A 176 -12.51 24.71 12.68
N GLU A 177 -12.74 25.30 13.85
CA GLU A 177 -14.10 25.46 14.34
C GLU A 177 -14.93 26.33 13.41
N THR A 178 -14.41 27.51 13.06
CA THR A 178 -15.18 28.42 12.20
C THR A 178 -15.13 27.97 10.74
N GLY A 179 -14.02 27.37 10.31
CA GLY A 179 -13.85 26.96 8.93
C GLY A 179 -13.34 28.03 8.00
N GLN A 180 -13.00 29.21 8.52
CA GLN A 180 -12.46 30.30 7.72
C GLN A 180 -10.95 30.39 7.92
N GLN A 181 -10.26 30.86 6.89
CA GLN A 181 -8.81 31.00 6.96
C GLN A 181 -8.47 32.27 7.74
N THR A 182 -7.89 32.07 8.94
CA THR A 182 -7.60 33.22 9.80
C THR A 182 -6.58 34.14 9.16
N THR A 183 -5.52 33.58 8.59
CA THR A 183 -4.45 34.36 7.98
C THR A 183 -4.11 33.78 6.62
N THR A 184 -3.69 34.65 5.70
CA THR A 184 -3.20 34.26 4.40
C THR A 184 -1.79 34.81 4.23
N PHE A 185 -0.85 33.92 3.95
CA PHE A 185 0.56 34.27 3.78
C PHE A 185 0.90 34.20 2.30
N THR A 186 1.38 35.32 1.75
CA THR A 186 1.73 35.44 0.35
C THR A 186 3.14 36.00 0.22
N GLY A 187 3.68 35.92 -1.00
CA GLY A 187 5.01 36.39 -1.28
C GLY A 187 5.76 35.48 -2.24
N HIS A 188 5.38 34.21 -2.28
CA HIS A 188 5.94 33.28 -3.23
C HIS A 188 5.47 33.60 -4.64
N THR A 189 6.31 33.25 -5.62
CA THR A 189 5.96 33.38 -7.02
C THR A 189 5.74 32.04 -7.71
N GLY A 190 6.01 30.94 -7.02
CA GLY A 190 5.79 29.62 -7.58
C GLY A 190 5.02 28.74 -6.59
N ASP A 191 4.66 27.56 -7.08
CA ASP A 191 3.85 26.62 -6.29
C ASP A 191 4.60 26.27 -5.01
N VAL A 192 3.94 26.47 -3.88
CA VAL A 192 4.52 26.12 -2.58
C VAL A 192 4.30 24.63 -2.35
N MET A 193 5.39 23.87 -2.17
CA MET A 193 5.30 22.38 -2.16
C MET A 193 5.41 21.75 -0.75
N SER A 194 5.96 22.41 0.26
CA SER A 194 6.11 21.75 1.54
C SER A 194 6.25 22.80 2.63
N LEU A 195 5.67 22.50 3.80
CA LEU A 195 5.80 23.36 4.97
C LEU A 195 6.15 22.49 6.17
N SER A 196 6.91 23.05 7.10
CA SER A 196 7.25 22.39 8.35
C SER A 196 6.84 23.30 9.49
N LEU A 197 6.28 22.72 10.55
CA LEU A 197 5.89 23.50 11.71
C LEU A 197 7.02 23.47 12.74
N ALA A 198 7.27 24.63 13.35
CA ALA A 198 8.30 24.73 14.36
C ALA A 198 7.89 23.93 15.60
N PRO A 199 8.86 23.47 16.39
CA PRO A 199 8.51 22.70 17.60
C PRO A 199 7.56 23.45 18.52
N ASP A 200 7.72 24.77 18.65
CA ASP A 200 6.84 25.56 19.51
C ASP A 200 5.57 26.01 18.79
N THR A 201 5.40 25.66 17.51
CA THR A 201 4.19 25.98 16.76
C THR A 201 3.94 27.49 16.73
N ARG A 202 5.02 28.27 16.62
CA ARG A 202 4.93 29.73 16.57
C ARG A 202 5.39 30.30 15.23
N LEU A 203 6.09 29.52 14.41
CA LEU A 203 6.50 29.96 13.08
C LEU A 203 6.36 28.80 12.12
N PHE A 204 6.78 29.00 10.88
CA PHE A 204 6.95 27.87 9.98
C PHE A 204 7.82 28.30 8.82
N VAL A 205 8.32 27.31 8.07
CA VAL A 205 9.14 27.54 6.89
C VAL A 205 8.52 26.78 5.73
N SER A 206 8.55 27.37 4.54
CA SER A 206 7.95 26.77 3.36
C SER A 206 8.79 27.06 2.14
N GLY A 207 8.94 26.05 1.28
CA GLY A 207 9.67 26.18 0.03
C GLY A 207 8.71 26.11 -1.14
N ALA A 208 9.05 26.82 -2.22
CA ALA A 208 8.15 26.92 -3.36
C ALA A 208 8.88 26.56 -4.64
N CYS A 209 8.10 26.45 -5.72
CA CYS A 209 8.65 26.15 -7.04
C CYS A 209 9.41 27.31 -7.64
N ASP A 210 9.38 28.48 -7.00
CA ASP A 210 10.23 29.60 -7.39
C ASP A 210 11.68 29.40 -6.96
N ALA A 211 12.05 28.19 -6.52
CA ALA A 211 13.41 27.88 -6.11
C ALA A 211 13.84 28.69 -4.90
N SER A 212 12.88 29.06 -4.04
CA SER A 212 13.16 29.83 -2.85
C SER A 212 12.36 29.27 -1.67
N ALA A 213 12.94 29.40 -0.48
CA ALA A 213 12.27 29.06 0.76
C ALA A 213 12.03 30.34 1.54
N LYS A 214 11.23 30.25 2.59
CA LYS A 214 11.02 31.43 3.43
C LYS A 214 10.37 31.05 4.75
N LEU A 215 10.68 31.85 5.76
CA LEU A 215 10.15 31.69 7.11
C LEU A 215 9.02 32.68 7.31
N TRP A 216 7.84 32.16 7.62
CA TRP A 216 6.63 32.93 7.83
C TRP A 216 6.17 32.80 9.28
N ASP A 217 5.87 33.95 9.90
CA ASP A 217 5.36 33.98 11.26
C ASP A 217 3.86 33.74 11.26
N VAL A 218 3.41 32.81 12.12
CA VAL A 218 2.00 32.42 12.10
C VAL A 218 1.11 33.46 12.74
N ARG A 219 1.64 34.27 13.67
CA ARG A 219 0.81 35.22 14.40
C ARG A 219 0.54 36.50 13.59
N GLU A 220 1.59 37.19 13.17
CA GLU A 220 1.44 38.47 12.49
C GLU A 220 1.08 38.34 11.01
N GLY A 221 1.20 37.16 10.43
CA GLY A 221 0.92 37.00 9.01
C GLY A 221 1.89 37.73 8.11
N MET A 222 3.01 38.19 8.66
CA MET A 222 4.01 38.92 7.89
C MET A 222 5.09 37.97 7.41
N CYS A 223 5.77 38.36 6.33
CA CYS A 223 6.84 37.54 5.76
C CYS A 223 8.11 37.85 6.53
N ARG A 224 8.46 36.96 7.47
CA ARG A 224 9.60 37.24 8.34
C ARG A 224 10.91 37.18 7.59
N GLN A 225 11.16 36.12 6.82
CA GLN A 225 12.44 35.97 6.15
C GLN A 225 12.26 35.18 4.86
N THR A 226 13.24 35.32 3.97
CA THR A 226 13.29 34.58 2.72
C THR A 226 14.72 34.10 2.49
N PHE A 227 14.84 32.88 1.97
CA PHE A 227 16.13 32.26 1.71
C PHE A 227 16.18 31.82 0.25
N THR A 228 17.35 32.05 -0.35
CA THR A 228 17.58 31.73 -1.76
C THR A 228 18.96 31.11 -1.92
N GLY A 229 19.44 31.03 -3.17
CA GLY A 229 20.64 30.28 -3.45
C GLY A 229 20.38 28.89 -3.95
N HIS A 230 19.48 28.75 -4.93
CA HIS A 230 18.97 27.45 -5.35
C HIS A 230 18.69 27.48 -6.85
N GLU A 231 18.75 26.32 -7.49
CA GLU A 231 18.58 26.25 -8.94
C GLU A 231 17.18 25.83 -9.36
N SER A 232 16.61 24.81 -8.73
CA SER A 232 15.33 24.26 -9.12
C SER A 232 14.31 24.42 -7.99
N ASP A 233 13.14 23.81 -8.18
CA ASP A 233 12.07 23.93 -7.20
C ASP A 233 12.39 23.14 -5.94
N ILE A 234 11.66 23.44 -4.87
CA ILE A 234 11.79 22.72 -3.61
C ILE A 234 10.54 21.87 -3.42
N ASN A 235 10.74 20.57 -3.17
CA ASN A 235 9.65 19.63 -2.99
C ASN A 235 9.50 19.15 -1.55
N ALA A 236 10.46 19.46 -0.67
CA ALA A 236 10.43 18.96 0.68
C ALA A 236 11.16 19.94 1.60
N ILE A 237 10.64 20.10 2.82
CA ILE A 237 11.23 21.00 3.81
C ILE A 237 10.91 20.46 5.19
N CYS A 238 11.84 20.66 6.12
CA CYS A 238 11.69 20.20 7.49
C CYS A 238 12.57 21.03 8.41
N PHE A 239 12.11 21.20 9.64
CA PHE A 239 12.87 21.91 10.67
C PHE A 239 13.88 20.99 11.34
N PHE A 240 14.98 21.58 11.79
CA PHE A 240 15.81 20.96 12.79
C PHE A 240 14.99 20.80 14.07
N PRO A 241 15.28 19.79 14.90
CA PRO A 241 14.38 19.51 16.03
C PRO A 241 14.25 20.69 16.99
N ASN A 242 15.23 21.60 16.99
CA ASN A 242 15.16 22.78 17.84
C ASN A 242 14.48 23.96 17.17
N GLY A 243 14.03 23.82 15.93
CA GLY A 243 13.38 24.93 15.24
C GLY A 243 14.31 26.09 14.98
N ASN A 244 15.62 25.84 14.93
CA ASN A 244 16.60 26.88 14.67
C ASN A 244 17.24 26.75 13.30
N ALA A 245 16.73 25.87 12.45
CA ALA A 245 17.26 25.67 11.10
C ALA A 245 16.25 24.81 10.35
N PHE A 246 16.54 24.55 9.08
CA PHE A 246 15.66 23.69 8.30
C PHE A 246 16.38 23.22 7.05
N ALA A 247 16.02 22.02 6.60
CA ALA A 247 16.60 21.41 5.41
C ALA A 247 15.55 21.31 4.32
N THR A 248 15.99 21.53 3.08
CA THR A 248 15.13 21.52 1.91
C THR A 248 15.66 20.51 0.90
N GLY A 249 14.73 19.87 0.19
CA GLY A 249 15.07 18.94 -0.87
C GLY A 249 14.46 19.39 -2.18
N SER A 250 15.09 19.10 -3.31
CA SER A 250 14.75 19.71 -4.57
C SER A 250 14.95 18.76 -5.74
N ASP A 251 14.38 19.13 -6.90
CA ASP A 251 14.55 18.36 -8.16
C ASP A 251 15.97 18.59 -8.65
N ASP A 252 16.67 19.57 -8.07
CA ASP A 252 18.07 19.90 -8.42
C ASP A 252 18.94 18.66 -8.15
N ALA A 253 18.54 17.78 -7.22
CA ALA A 253 19.29 16.56 -6.82
C ALA A 253 20.20 16.95 -5.66
N THR A 254 19.87 18.02 -4.95
CA THR A 254 20.63 18.52 -3.81
C THR A 254 19.69 18.80 -2.66
N CYS A 255 20.21 18.67 -1.45
CA CYS A 255 19.51 19.06 -0.24
C CYS A 255 20.34 20.12 0.47
N ARG A 256 19.66 21.16 0.96
CA ARG A 256 20.30 22.36 1.48
C ARG A 256 19.82 22.63 2.89
N LEU A 257 20.75 22.87 3.81
CA LEU A 257 20.42 23.21 5.18
C LEU A 257 20.66 24.70 5.39
N PHE A 258 19.60 25.41 5.79
CA PHE A 258 19.61 26.84 6.06
C PHE A 258 19.39 27.10 7.54
N ASP A 259 19.87 28.24 8.01
CA ASP A 259 19.59 28.76 9.35
C ASP A 259 18.75 30.03 9.23
N LEU A 260 17.76 30.15 10.11
CA LEU A 260 16.84 31.27 10.07
C LEU A 260 17.38 32.50 10.79
N ARG A 261 18.57 32.40 11.39
CA ARG A 261 19.19 33.53 12.06
C ARG A 261 20.32 34.13 11.23
N ALA A 262 21.19 33.30 10.66
CA ALA A 262 22.23 33.81 9.77
C ALA A 262 21.64 34.33 8.47
N ASP A 263 20.45 33.87 8.09
CA ASP A 263 19.76 34.21 6.86
C ASP A 263 20.50 33.70 5.62
N GLN A 264 21.52 32.86 5.78
CA GLN A 264 22.30 32.35 4.68
C GLN A 264 22.27 30.82 4.70
N GLU A 265 22.43 30.23 3.52
CA GLU A 265 22.51 28.78 3.42
C GLU A 265 23.75 28.28 4.16
N LEU A 266 23.56 27.24 4.97
CA LEU A 266 24.66 26.71 5.76
C LEU A 266 25.39 25.57 5.06
N MET A 267 24.66 24.59 4.54
CA MET A 267 25.32 23.40 4.02
C MET A 267 24.57 22.86 2.81
N THR A 268 25.32 22.17 1.94
CA THR A 268 24.78 21.49 0.78
C THR A 268 24.93 19.99 0.93
N TYR A 269 23.91 19.25 0.49
CA TYR A 269 23.86 17.80 0.61
C TYR A 269 23.67 17.21 -0.79
N SER A 270 24.77 16.99 -1.49
CA SER A 270 24.74 16.51 -2.87
C SER A 270 25.90 15.56 -3.12
N HIS A 271 25.71 14.67 -4.08
CA HIS A 271 26.75 13.76 -4.54
C HIS A 271 26.68 13.65 -6.05
N ASP A 272 27.84 13.37 -6.67
CA ASP A 272 27.91 13.39 -8.13
C ASP A 272 27.03 12.30 -8.75
N ASN A 273 27.02 11.11 -8.16
CA ASN A 273 26.24 10.01 -8.71
C ASN A 273 24.74 10.25 -8.57
N ILE A 274 24.33 11.18 -7.72
CA ILE A 274 22.91 11.51 -7.54
C ILE A 274 22.50 12.43 -8.68
N ILE A 275 21.54 11.98 -9.49
CA ILE A 275 21.13 12.72 -10.68
C ILE A 275 19.69 13.19 -10.62
N CYS A 276 18.88 12.67 -9.71
CA CYS A 276 17.46 12.99 -9.65
C CYS A 276 17.14 13.72 -8.34
N GLY A 277 15.90 14.17 -8.23
CA GLY A 277 15.49 15.05 -7.14
C GLY A 277 15.21 14.32 -5.85
N ILE A 278 14.85 15.11 -4.84
CA ILE A 278 14.52 14.60 -3.51
C ILE A 278 13.04 14.81 -3.28
N THR A 279 12.32 13.73 -2.96
CA THR A 279 10.88 13.79 -2.78
C THR A 279 10.47 14.13 -1.35
N SER A 280 11.26 13.74 -0.36
CA SER A 280 10.90 13.95 1.04
C SER A 280 12.17 14.11 1.87
N VAL A 281 12.04 14.85 2.97
CA VAL A 281 13.16 15.11 3.87
C VAL A 281 12.67 14.93 5.30
N SER A 282 13.54 14.38 6.14
CA SER A 282 13.22 14.18 7.54
C SER A 282 14.51 14.16 8.34
N PHE A 283 14.39 14.41 9.64
CA PHE A 283 15.53 14.50 10.53
C PHE A 283 15.45 13.41 11.59
N SER A 284 16.61 13.01 12.09
CA SER A 284 16.69 12.13 13.24
C SER A 284 16.23 12.86 14.49
N LYS A 285 15.86 12.08 15.51
CA LYS A 285 15.43 12.69 16.77
C LYS A 285 16.51 13.62 17.32
N SER A 286 17.78 13.30 17.08
CA SER A 286 18.88 14.17 17.46
C SER A 286 19.20 15.23 16.42
N GLY A 287 18.58 15.17 15.24
CA GLY A 287 18.98 16.01 14.14
C GLY A 287 20.36 15.67 13.61
N ARG A 288 20.85 14.47 13.90
CA ARG A 288 22.18 14.05 13.48
C ARG A 288 22.18 13.35 12.13
N LEU A 289 21.05 12.79 11.72
CA LEU A 289 20.93 12.13 10.43
C LEU A 289 19.79 12.77 9.66
N LEU A 290 20.09 13.27 8.46
CA LEU A 290 19.08 13.82 7.56
C LEU A 290 18.70 12.72 6.58
N LEU A 291 17.46 12.26 6.65
CA LEU A 291 16.99 11.22 5.76
C LEU A 291 16.26 11.85 4.58
N ALA A 292 16.65 11.45 3.37
CA ALA A 292 16.11 12.06 2.15
C ALA A 292 15.65 10.96 1.21
N GLY A 293 14.42 11.09 0.71
CA GLY A 293 13.90 10.18 -0.30
C GLY A 293 14.11 10.74 -1.68
N TYR A 294 14.74 9.97 -2.58
CA TYR A 294 15.07 10.43 -3.95
C TYR A 294 14.18 9.72 -4.97
N ASP A 295 14.36 10.04 -6.27
CA ASP A 295 13.59 9.39 -7.36
C ASP A 295 14.35 8.15 -7.81
N ASP A 296 15.52 7.87 -7.19
CA ASP A 296 16.39 6.73 -7.56
C ASP A 296 15.90 5.47 -6.86
N PHE A 297 14.65 5.44 -6.39
CA PHE A 297 14.03 4.29 -5.74
C PHE A 297 14.64 3.99 -4.38
N ASN A 298 15.54 4.83 -3.89
CA ASN A 298 16.22 4.61 -2.63
C ASN A 298 16.05 5.82 -1.72
N CYS A 299 16.42 5.63 -0.46
CA CYS A 299 16.46 6.69 0.54
C CYS A 299 17.86 6.77 1.12
N ASN A 300 18.43 7.97 1.15
CA ASN A 300 19.79 8.19 1.59
C ASN A 300 19.80 8.84 2.97
N VAL A 301 20.72 8.39 3.81
CA VAL A 301 20.96 8.98 5.12
C VAL A 301 22.22 9.82 5.03
N TRP A 302 22.10 11.10 5.38
CA TRP A 302 23.20 12.05 5.27
C TRP A 302 23.62 12.49 6.66
N ASP A 303 24.92 12.49 6.90
CA ASP A 303 25.43 13.13 8.10
C ASP A 303 25.16 14.63 8.02
N ALA A 304 24.22 15.09 8.86
CA ALA A 304 23.76 16.47 8.77
C ALA A 304 24.88 17.48 9.00
N LEU A 305 25.97 17.08 9.66
CA LEU A 305 27.11 17.96 9.88
C LEU A 305 28.26 17.71 8.93
N LYS A 306 28.41 16.50 8.39
CA LYS A 306 29.50 16.18 7.49
C LYS A 306 29.09 16.12 6.02
N ALA A 307 27.78 16.09 5.74
CA ALA A 307 27.25 16.08 4.38
C ALA A 307 27.52 14.76 3.66
N ASP A 308 28.18 13.81 4.31
CA ASP A 308 28.44 12.52 3.70
C ASP A 308 27.20 11.64 3.80
N ARG A 309 27.13 10.64 2.92
CA ARG A 309 26.06 9.65 2.94
C ARG A 309 26.40 8.61 4.00
N ALA A 310 25.64 8.62 5.09
CA ALA A 310 25.87 7.70 6.21
C ALA A 310 25.20 6.36 6.01
N GLY A 311 24.45 6.17 4.92
CA GLY A 311 23.82 4.88 4.62
C GLY A 311 22.78 4.98 3.50
N VAL A 312 21.97 3.92 3.31
CA VAL A 312 20.89 3.91 2.28
C VAL A 312 19.77 2.97 2.77
N LEU A 313 18.54 3.16 2.29
CA LEU A 313 17.37 2.29 2.62
C LEU A 313 16.77 1.85 1.29
N ALA A 314 17.49 1.05 0.50
CA ALA A 314 17.04 0.62 -0.84
C ALA A 314 16.24 -0.69 -0.76
N GLY A 315 15.23 -0.76 0.12
CA GLY A 315 14.35 -1.94 0.23
C GLY A 315 13.13 -1.78 -0.63
N HIS A 316 12.92 -0.58 -1.19
CA HIS A 316 11.76 -0.29 -2.08
C HIS A 316 12.24 -0.31 -3.53
N ASP A 317 11.40 -0.77 -4.46
CA ASP A 317 11.75 -0.85 -5.90
C ASP A 317 11.13 0.34 -6.63
N ASN A 318 10.71 1.38 -5.90
CA ASN A 318 10.15 2.61 -6.49
C ASN A 318 10.60 3.82 -5.67
N ARG A 319 10.46 5.03 -6.19
CA ARG A 319 10.93 6.29 -5.53
C ARG A 319 10.37 6.40 -4.11
N VAL A 320 11.18 6.87 -3.14
CA VAL A 320 10.77 6.96 -1.70
C VAL A 320 9.98 8.26 -1.51
N SER A 321 8.73 8.30 -1.96
CA SER A 321 7.85 9.49 -1.90
C SER A 321 7.84 10.20 -0.54
N CYS A 322 7.72 9.49 0.59
CA CYS A 322 7.58 10.12 1.89
C CYS A 322 8.50 9.48 2.91
N LEU A 323 8.95 10.30 3.86
CA LEU A 323 9.75 9.86 4.99
C LEU A 323 9.05 10.26 6.27
N GLY A 324 9.48 9.67 7.37
CA GLY A 324 8.99 10.07 8.68
C GLY A 324 9.76 9.43 9.80
N VAL A 325 9.98 10.16 10.88
CA VAL A 325 10.68 9.65 12.06
C VAL A 325 9.77 9.83 13.27
N THR A 326 9.73 8.81 14.12
CA THR A 326 8.91 8.87 15.31
C THR A 326 9.35 10.02 16.21
N ASP A 327 8.50 10.36 17.18
CA ASP A 327 8.83 11.41 18.12
C ASP A 327 9.88 10.96 19.13
N ASP A 328 9.97 9.66 19.39
CA ASP A 328 11.01 9.11 20.25
C ASP A 328 12.24 8.65 19.47
N GLY A 329 12.20 8.69 18.13
CA GLY A 329 13.35 8.32 17.34
C GLY A 329 13.63 6.83 17.29
N MET A 330 12.63 6.00 17.59
CA MET A 330 12.85 4.56 17.60
C MET A 330 12.90 3.94 16.20
N ALA A 331 12.17 4.49 15.24
CA ALA A 331 12.07 3.88 13.92
C ALA A 331 11.80 4.95 12.87
N VAL A 332 12.04 4.59 11.61
CA VAL A 332 11.80 5.45 10.47
C VAL A 332 10.81 4.77 9.55
N ALA A 333 9.75 5.48 9.18
CA ALA A 333 8.82 5.00 8.18
C ALA A 333 9.17 5.62 6.83
N THR A 334 9.17 4.80 5.78
CA THR A 334 9.40 5.28 4.43
C THR A 334 8.31 4.70 3.53
N GLY A 335 7.69 5.58 2.75
CA GLY A 335 6.65 5.17 1.80
C GLY A 335 7.07 5.51 0.39
N SER A 336 6.81 4.58 -0.52
CA SER A 336 7.25 4.70 -1.91
C SER A 336 6.07 4.47 -2.86
N TRP A 337 6.33 4.69 -4.14
CA TRP A 337 5.36 4.43 -5.19
C TRP A 337 5.12 2.94 -5.41
N ASP A 338 5.91 2.07 -4.78
CA ASP A 338 5.72 0.63 -4.92
C ASP A 338 4.62 0.11 -4.00
N SER A 339 3.88 1.00 -3.33
CA SER A 339 2.67 0.65 -2.59
C SER A 339 2.98 -0.01 -1.26
N PHE A 340 4.19 0.18 -0.73
CA PHE A 340 4.56 -0.39 0.56
C PHE A 340 5.17 0.67 1.43
N LEU A 341 4.79 0.68 2.71
CA LEU A 341 5.51 1.41 3.74
C LEU A 341 6.44 0.43 4.46
N LYS A 342 7.62 0.91 4.80
CA LYS A 342 8.61 0.09 5.48
C LYS A 342 9.09 0.84 6.71
N ILE A 343 9.10 0.14 7.86
CA ILE A 343 9.63 0.67 9.10
C ILE A 343 11.02 0.10 9.29
N TRP A 344 11.98 0.99 9.56
CA TRP A 344 13.39 0.65 9.63
C TRP A 344 13.92 1.03 11.00
N ASN A 345 14.79 0.19 11.55
CA ASN A 345 15.39 0.44 12.85
C ASN A 345 16.79 -0.16 12.92
N SER B 34 30.86 -48.72 -20.87
CA SER B 34 31.10 -48.47 -22.33
C SER B 34 31.20 -46.98 -22.58
N TRP B 35 31.68 -46.59 -23.75
CA TRP B 35 31.74 -45.15 -24.08
C TRP B 35 30.33 -44.55 -24.09
N THR B 36 29.37 -45.27 -24.62
CA THR B 36 28.00 -44.70 -24.73
C THR B 36 27.47 -44.38 -23.35
N SER B 37 27.70 -45.27 -22.42
CA SER B 37 27.14 -45.07 -21.07
C SER B 37 27.84 -43.87 -20.47
N VAL B 38 29.15 -43.75 -20.69
CA VAL B 38 29.86 -42.63 -20.01
C VAL B 38 29.33 -41.34 -20.59
N THR B 39 29.15 -41.33 -21.88
CA THR B 39 28.68 -40.09 -22.53
C THR B 39 27.28 -39.78 -22.05
N TYR B 40 26.44 -40.80 -21.92
CA TYR B 40 25.02 -40.55 -21.59
C TYR B 40 24.95 -39.94 -20.24
N ILE B 41 25.71 -40.51 -19.35
CA ILE B 41 25.77 -39.99 -17.98
C ILE B 41 26.30 -38.57 -18.04
N THR B 42 27.33 -38.34 -18.84
CA THR B 42 27.95 -37.00 -18.80
C THR B 42 26.97 -35.98 -19.35
N VAL B 43 26.31 -36.34 -20.45
CA VAL B 43 25.43 -35.31 -21.06
C VAL B 43 24.25 -35.05 -20.13
N GLU B 44 23.76 -36.10 -19.52
CA GLU B 44 22.57 -35.97 -18.66
C GLU B 44 22.94 -35.08 -17.49
N ILE B 45 24.09 -35.30 -16.89
CA ILE B 45 24.44 -34.52 -15.68
C ILE B 45 24.64 -33.08 -16.08
N LEU B 46 25.28 -32.84 -17.21
CA LEU B 46 25.52 -31.45 -17.61
C LEU B 46 24.18 -30.75 -17.89
N ILE B 47 23.27 -31.44 -18.59
CA ILE B 47 21.99 -30.80 -18.95
C ILE B 47 21.19 -30.49 -17.68
N GLY B 48 21.19 -31.39 -16.75
CA GLY B 48 20.46 -31.17 -15.50
C GLY B 48 21.02 -30.01 -14.73
N LEU B 49 22.34 -29.92 -14.69
CA LEU B 49 22.96 -28.81 -13.93
C LEU B 49 22.59 -27.49 -14.58
N CYS B 50 22.59 -27.48 -15.90
CA CYS B 50 22.21 -26.25 -16.62
C CYS B 50 20.76 -25.88 -16.30
N ALA B 51 19.87 -26.86 -16.32
CA ALA B 51 18.45 -26.58 -16.07
C ALA B 51 18.27 -26.03 -14.68
N ILE B 52 18.93 -26.62 -13.70
CA ILE B 52 18.77 -26.17 -12.31
C ILE B 52 19.28 -24.73 -12.23
N VAL B 53 20.41 -24.43 -12.86
CA VAL B 53 20.97 -23.06 -12.72
C VAL B 53 20.03 -22.07 -13.38
N GLY B 54 19.51 -22.43 -14.54
CA GLY B 54 18.63 -21.49 -15.25
C GLY B 54 17.35 -21.21 -14.50
N ASN B 55 16.73 -22.25 -13.99
CA ASN B 55 15.44 -22.03 -13.32
C ASN B 55 15.66 -21.27 -12.02
N VAL B 56 16.74 -21.54 -11.35
CA VAL B 56 17.00 -20.86 -10.08
C VAL B 56 17.23 -19.39 -10.41
N LEU B 57 17.89 -19.10 -11.50
CA LEU B 57 18.08 -17.68 -11.84
C LEU B 57 16.72 -17.05 -12.13
N VAL B 58 15.82 -17.77 -12.76
CA VAL B 58 14.49 -17.18 -13.08
C VAL B 58 13.77 -16.85 -11.77
N ILE B 59 13.85 -17.73 -10.82
CA ILE B 59 13.13 -17.51 -9.54
C ILE B 59 13.78 -16.36 -8.79
N TRP B 60 15.09 -16.30 -8.77
CA TRP B 60 15.80 -15.20 -8.10
C TRP B 60 15.34 -13.90 -8.74
N VAL B 61 15.30 -13.86 -10.07
CA VAL B 61 14.91 -12.60 -10.76
C VAL B 61 13.46 -12.26 -10.40
N VAL B 62 12.57 -13.23 -10.39
CA VAL B 62 11.14 -12.90 -10.18
C VAL B 62 10.93 -12.36 -8.78
N LYS B 63 11.50 -12.98 -7.81
CA LYS B 63 11.29 -12.56 -6.42
C LYS B 63 12.01 -11.24 -6.14
N LEU B 64 13.13 -10.98 -6.78
CA LEU B 64 13.88 -9.75 -6.43
C LEU B 64 13.04 -8.53 -6.79
N ASN B 65 12.34 -8.59 -7.91
CA ASN B 65 11.59 -7.40 -8.37
C ASN B 65 10.11 -7.61 -8.12
N PRO B 66 9.48 -6.88 -7.19
CA PRO B 66 8.07 -7.02 -6.97
C PRO B 66 7.26 -6.70 -8.22
N SER B 67 7.89 -6.03 -9.16
CA SER B 67 7.14 -5.61 -10.37
C SER B 67 6.81 -6.84 -11.19
N LEU B 68 7.53 -7.94 -10.93
CA LEU B 68 7.35 -9.13 -11.77
C LEU B 68 6.51 -10.16 -11.01
N GLN B 69 5.47 -9.72 -10.30
CA GLN B 69 4.73 -10.69 -9.46
C GLN B 69 3.25 -10.75 -9.82
N THR B 70 2.94 -10.85 -11.11
CA THR B 70 1.53 -10.84 -11.57
C THR B 70 1.16 -12.16 -12.23
N THR B 71 0.02 -12.21 -12.89
CA THR B 71 -0.49 -13.50 -13.40
C THR B 71 0.51 -14.21 -14.33
N THR B 72 1.05 -13.47 -15.28
CA THR B 72 1.98 -14.12 -16.23
C THR B 72 3.18 -14.66 -15.44
N PHE B 73 3.62 -13.90 -14.46
CA PHE B 73 4.80 -14.38 -13.72
C PHE B 73 4.43 -15.52 -12.80
N TYR B 74 3.18 -15.61 -12.42
CA TYR B 74 2.76 -16.78 -11.63
C TYR B 74 2.93 -18.04 -12.48
N PHE B 75 2.44 -18.00 -13.71
CA PHE B 75 2.55 -19.19 -14.57
C PHE B 75 4.03 -19.48 -14.84
N ILE B 76 4.81 -18.44 -15.07
CA ILE B 76 6.24 -18.62 -15.38
C ILE B 76 6.94 -19.24 -14.18
N VAL B 77 6.61 -18.83 -12.96
CA VAL B 77 7.38 -19.40 -11.82
C VAL B 77 6.94 -20.83 -11.59
N SER B 78 5.72 -21.13 -11.94
CA SER B 78 5.25 -22.53 -11.81
C SER B 78 6.07 -23.41 -12.73
N LEU B 79 6.29 -22.94 -13.92
CA LEU B 79 7.14 -23.69 -14.88
C LEU B 79 8.56 -23.80 -14.32
N ALA B 80 9.04 -22.77 -13.66
CA ALA B 80 10.42 -22.77 -13.16
C ALA B 80 10.60 -23.84 -12.09
N LEU B 81 9.64 -23.97 -11.19
CA LEU B 81 9.73 -25.00 -10.15
C LEU B 81 9.67 -26.38 -10.80
N ALA B 82 8.83 -26.55 -11.80
CA ALA B 82 8.69 -27.85 -12.48
C ALA B 82 10.04 -28.23 -13.05
N ASP B 83 10.72 -27.28 -13.63
CA ASP B 83 12.00 -27.55 -14.27
C ASP B 83 13.09 -27.82 -13.24
N ILE B 84 13.04 -27.14 -12.11
CA ILE B 84 14.04 -27.43 -11.06
C ILE B 84 13.89 -28.86 -10.58
N ALA B 85 12.67 -29.31 -10.47
CA ALA B 85 12.43 -30.71 -10.11
C ALA B 85 12.89 -31.66 -11.20
N VAL B 86 12.68 -31.33 -12.46
CA VAL B 86 13.04 -32.22 -13.58
C VAL B 86 14.55 -32.27 -13.73
N GLY B 87 15.22 -31.40 -13.05
CA GLY B 87 16.66 -31.36 -13.20
C GLY B 87 17.33 -31.88 -11.96
N VAL B 88 16.65 -31.89 -10.84
CA VAL B 88 17.36 -32.23 -9.59
C VAL B 88 17.14 -33.70 -9.27
N LEU B 89 15.92 -34.17 -9.43
CA LEU B 89 15.62 -35.58 -9.15
C LEU B 89 15.67 -36.44 -10.41
N VAL B 90 15.07 -35.97 -11.49
CA VAL B 90 14.94 -36.83 -12.68
C VAL B 90 16.28 -37.13 -13.30
N MET B 91 17.23 -36.24 -13.14
CA MET B 91 18.57 -36.46 -13.69
C MET B 91 19.25 -37.60 -12.92
N PRO B 92 19.44 -37.52 -11.58
CA PRO B 92 20.05 -38.62 -10.91
C PRO B 92 19.20 -39.87 -11.07
N LEU B 93 17.90 -39.69 -11.08
CA LEU B 93 17.06 -40.89 -11.17
C LEU B 93 17.23 -41.61 -12.51
N ALA B 94 17.32 -40.87 -13.59
CA ALA B 94 17.60 -41.49 -14.89
C ALA B 94 18.95 -42.20 -14.89
N ILE B 95 19.96 -41.54 -14.36
CA ILE B 95 21.29 -42.18 -14.38
C ILE B 95 21.17 -43.50 -13.61
N VAL B 96 20.45 -43.49 -12.52
CA VAL B 96 20.40 -44.69 -11.67
C VAL B 96 19.60 -45.76 -12.37
N ILE B 97 18.49 -45.38 -13.00
CA ILE B 97 17.72 -46.38 -13.76
C ILE B 97 18.64 -47.02 -14.82
N SER B 98 19.55 -46.26 -15.38
CA SER B 98 20.38 -46.83 -16.48
C SER B 98 21.39 -47.84 -15.92
N LEU B 99 22.00 -47.53 -14.77
CA LEU B 99 23.06 -48.41 -14.22
C LEU B 99 22.51 -49.78 -13.90
N GLY B 100 21.23 -49.88 -13.61
CA GLY B 100 20.57 -51.20 -13.42
C GLY B 100 21.01 -51.99 -12.21
N VAL B 101 21.13 -51.31 -11.09
CA VAL B 101 21.55 -52.00 -9.85
C VAL B 101 20.39 -52.82 -9.33
N THR B 102 20.70 -53.85 -8.55
CA THR B 102 19.66 -54.73 -7.96
C THR B 102 18.99 -53.98 -6.81
N ILE B 103 17.81 -53.38 -7.06
CA ILE B 103 17.25 -52.46 -6.02
C ILE B 103 15.77 -52.68 -5.76
N HIS B 104 15.26 -53.88 -5.86
CA HIS B 104 13.84 -54.10 -5.46
C HIS B 104 12.91 -53.60 -6.54
N PHE B 105 11.80 -54.32 -6.74
CA PHE B 105 10.90 -53.91 -7.84
C PHE B 105 10.30 -52.55 -7.55
N TYR B 106 9.81 -52.38 -6.35
CA TYR B 106 9.06 -51.15 -6.02
C TYR B 106 9.97 -49.94 -5.88
N SER B 107 11.19 -50.08 -5.39
CA SER B 107 12.03 -48.85 -5.33
C SER B 107 12.29 -48.35 -6.76
N CYS B 108 12.54 -49.27 -7.67
CA CYS B 108 12.71 -48.86 -9.09
C CYS B 108 11.40 -48.21 -9.60
N LEU B 109 10.26 -48.80 -9.27
CA LEU B 109 8.97 -48.29 -9.84
C LEU B 109 8.79 -46.90 -9.25
N PHE B 110 9.25 -46.71 -8.04
CA PHE B 110 9.06 -45.41 -7.42
C PHE B 110 9.92 -44.42 -8.18
N MET B 111 11.13 -44.84 -8.55
CA MET B 111 11.99 -43.82 -9.19
C MET B 111 11.35 -43.43 -10.53
N THR B 112 10.78 -44.43 -11.20
CA THR B 112 10.17 -44.15 -12.52
C THR B 112 8.97 -43.21 -12.38
N CYS B 113 8.13 -43.47 -11.37
CA CYS B 113 6.91 -42.65 -11.11
C CYS B 113 7.33 -41.27 -10.62
N LEU B 114 8.51 -41.12 -10.02
CA LEU B 114 9.04 -39.79 -9.63
C LEU B 114 9.38 -39.01 -10.91
N MET B 115 10.00 -39.67 -11.88
CA MET B 115 10.42 -39.01 -13.15
C MET B 115 9.17 -38.61 -13.95
N LEU B 116 8.11 -39.42 -13.92
CA LEU B 116 6.82 -39.10 -14.57
C LEU B 116 6.22 -37.85 -13.93
N ILE B 117 5.94 -37.83 -12.63
CA ILE B 117 5.22 -36.69 -11.98
C ILE B 117 5.96 -35.37 -12.28
N PHE B 118 7.29 -35.36 -12.33
CA PHE B 118 8.09 -34.12 -12.51
C PHE B 118 8.06 -33.64 -13.97
N THR B 119 8.22 -34.54 -14.96
CA THR B 119 8.25 -34.16 -16.38
C THR B 119 6.89 -33.70 -16.84
N HIS B 120 5.88 -34.39 -16.41
CA HIS B 120 4.55 -34.00 -16.84
C HIS B 120 4.18 -32.65 -16.23
N ALA B 121 4.75 -32.35 -15.09
CA ALA B 121 4.48 -31.04 -14.46
C ALA B 121 5.05 -29.90 -15.31
N SER B 122 6.24 -30.10 -15.84
CA SER B 122 6.84 -29.09 -16.73
C SER B 122 5.98 -28.88 -17.98
N ILE B 123 5.54 -29.94 -18.56
CA ILE B 123 4.71 -29.85 -19.76
C ILE B 123 3.40 -29.14 -19.43
N MET B 124 2.85 -29.42 -18.27
CA MET B 124 1.58 -28.77 -17.90
C MET B 124 1.79 -27.28 -17.65
N SER B 125 2.92 -26.90 -17.07
CA SER B 125 3.20 -25.47 -16.89
C SER B 125 3.28 -24.77 -18.27
N LEU B 126 3.87 -25.41 -19.25
CA LEU B 126 3.92 -24.80 -20.61
C LEU B 126 2.52 -24.60 -21.14
N LEU B 127 1.67 -25.57 -20.90
CA LEU B 127 0.32 -25.45 -21.43
C LEU B 127 -0.37 -24.30 -20.74
N ALA B 128 -0.02 -24.10 -19.49
CA ALA B 128 -0.74 -23.05 -18.75
C ALA B 128 -0.36 -21.67 -19.27
N ILE B 129 0.92 -21.49 -19.57
CA ILE B 129 1.39 -20.19 -20.06
C ILE B 129 0.66 -19.89 -21.36
N ALA B 130 0.49 -20.89 -22.17
CA ALA B 130 -0.18 -20.70 -23.45
C ALA B 130 -1.61 -20.31 -23.25
N VAL B 131 -2.30 -20.92 -22.31
CA VAL B 131 -3.75 -20.64 -22.19
C VAL B 131 -3.92 -19.24 -21.67
N ASP B 132 -3.02 -18.83 -20.83
CA ASP B 132 -3.09 -17.47 -20.27
C ASP B 132 -2.94 -16.44 -21.38
N ARG B 133 -2.03 -16.68 -22.30
CA ARG B 133 -1.80 -15.71 -23.38
C ARG B 133 -3.05 -15.65 -24.23
N TYR B 134 -3.67 -16.76 -24.44
CA TYR B 134 -4.83 -16.80 -25.32
C TYR B 134 -5.94 -16.02 -24.66
N LEU B 135 -6.05 -16.17 -23.37
CA LEU B 135 -7.16 -15.47 -22.67
C LEU B 135 -6.95 -13.97 -22.71
N ARG B 136 -5.70 -13.54 -22.54
CA ARG B 136 -5.41 -12.10 -22.56
C ARG B 136 -5.88 -11.52 -23.88
N VAL B 137 -5.57 -12.16 -24.97
CA VAL B 137 -5.92 -11.63 -26.31
C VAL B 137 -7.41 -11.69 -26.50
N LYS B 138 -8.04 -12.77 -26.10
CA LYS B 138 -9.44 -12.98 -26.54
C LYS B 138 -10.52 -12.52 -25.56
N LEU B 139 -10.21 -12.36 -24.31
CA LEU B 139 -11.17 -11.79 -23.33
C LEU B 139 -11.23 -10.28 -23.47
N THR B 140 -10.20 -9.70 -24.10
CA THR B 140 -10.00 -8.23 -24.18
C THR B 140 -9.96 -7.64 -22.77
N VAL B 141 -10.66 -6.53 -22.55
CA VAL B 141 -10.58 -5.77 -21.26
C VAL B 141 -11.09 -6.66 -20.13
N ARG B 142 -12.08 -7.51 -20.41
CA ARG B 142 -12.77 -8.31 -19.36
C ARG B 142 -11.75 -9.24 -18.69
N TYR B 143 -10.52 -9.30 -19.21
CA TYR B 143 -9.55 -10.32 -18.77
C TYR B 143 -9.22 -10.08 -17.31
N ARG B 144 -8.88 -8.86 -16.90
CA ARG B 144 -8.49 -8.70 -15.47
C ARG B 144 -9.70 -8.92 -14.56
N ARG B 145 -10.90 -8.79 -15.09
CA ARG B 145 -12.12 -8.97 -14.27
C ARG B 145 -12.47 -10.45 -14.15
N VAL B 146 -11.80 -11.30 -14.91
CA VAL B 146 -12.13 -12.74 -14.89
C VAL B 146 -10.95 -13.48 -14.30
N THR B 147 -9.77 -12.91 -14.36
CA THR B 147 -8.55 -13.59 -13.89
C THR B 147 -8.06 -12.96 -12.59
N THR B 148 -8.41 -13.54 -11.46
CA THR B 148 -8.06 -13.04 -10.13
C THR B 148 -7.05 -13.97 -9.51
N GLN B 149 -6.44 -13.58 -8.41
CA GLN B 149 -5.35 -14.39 -7.82
C GLN B 149 -5.89 -15.75 -7.42
N ARG B 150 -7.08 -15.79 -6.87
CA ARG B 150 -7.66 -17.08 -6.41
C ARG B 150 -7.74 -18.06 -7.58
N ARG B 151 -8.27 -17.64 -8.71
CA ARG B 151 -8.42 -18.58 -9.80
C ARG B 151 -7.05 -18.96 -10.35
N ILE B 152 -6.10 -18.07 -10.26
CA ILE B 152 -4.72 -18.40 -10.74
C ILE B 152 -4.10 -19.47 -9.85
N TRP B 153 -4.12 -19.30 -8.52
CA TRP B 153 -3.58 -20.37 -7.66
C TRP B 153 -4.39 -21.65 -7.85
N LEU B 154 -5.67 -21.55 -8.17
CA LEU B 154 -6.51 -22.76 -8.31
C LEU B 154 -6.14 -23.51 -9.58
N ALA B 155 -5.69 -22.79 -10.59
CA ALA B 155 -5.39 -23.45 -11.85
C ALA B 155 -3.98 -24.03 -11.78
N LEU B 156 -3.07 -23.29 -11.19
CA LEU B 156 -1.72 -23.83 -11.04
C LEU B 156 -1.76 -25.09 -10.18
N GLY B 157 -2.59 -25.06 -9.18
CA GLY B 157 -2.67 -26.23 -8.30
C GLY B 157 -3.30 -27.39 -9.04
N LEU B 158 -4.28 -27.13 -9.86
CA LEU B 158 -4.94 -28.23 -10.58
C LEU B 158 -3.91 -28.85 -11.50
N CYS B 159 -3.02 -28.03 -12.02
CA CYS B 159 -2.04 -28.54 -12.98
C CYS B 159 -1.07 -29.50 -12.30
N TRP B 160 -0.54 -29.05 -11.17
CA TRP B 160 0.38 -29.92 -10.44
C TRP B 160 -0.32 -31.18 -9.94
N LEU B 161 -1.58 -31.07 -9.58
CA LEU B 161 -2.30 -32.25 -9.06
C LEU B 161 -2.46 -33.26 -10.19
N VAL B 162 -2.79 -32.80 -11.39
CA VAL B 162 -3.00 -33.77 -12.49
C VAL B 162 -1.65 -34.40 -12.83
N SER B 163 -0.56 -33.64 -12.73
CA SER B 163 0.78 -34.20 -12.97
C SER B 163 1.11 -35.31 -11.97
N PHE B 164 0.89 -35.05 -10.70
CA PHE B 164 1.14 -36.09 -9.69
C PHE B 164 0.25 -37.31 -9.94
N LEU B 165 -1.01 -37.11 -10.29
CA LEU B 165 -1.93 -38.24 -10.55
C LEU B 165 -1.39 -39.06 -11.72
N VAL B 166 -1.00 -38.41 -12.79
CA VAL B 166 -0.57 -39.16 -14.01
C VAL B 166 0.71 -39.92 -13.71
N GLY B 167 1.63 -39.32 -12.99
CA GLY B 167 2.90 -39.99 -12.69
C GLY B 167 2.83 -41.15 -11.73
N LEU B 168 1.98 -41.07 -10.73
CA LEU B 168 1.95 -42.10 -9.68
C LEU B 168 0.88 -43.16 -9.97
N THR B 169 0.17 -43.02 -11.07
CA THR B 169 -0.87 -44.01 -11.41
C THR B 169 -0.30 -45.41 -11.51
N PRO B 170 0.86 -45.64 -12.17
CA PRO B 170 1.39 -47.01 -12.41
C PRO B 170 1.55 -47.90 -11.17
N MET B 171 1.80 -47.32 -10.00
CA MET B 171 2.03 -48.09 -8.74
C MET B 171 0.72 -48.73 -8.29
N PHE B 172 -0.43 -48.33 -8.85
CA PHE B 172 -1.76 -48.81 -8.42
C PHE B 172 -2.38 -49.78 -9.43
N GLY B 173 -1.59 -50.44 -10.29
CA GLY B 173 -2.16 -51.47 -11.19
C GLY B 173 -1.34 -51.72 -12.43
N TRP B 174 -1.16 -50.67 -13.24
CA TRP B 174 -0.34 -50.82 -14.47
C TRP B 174 1.16 -50.77 -14.16
N ASN B 175 1.72 -51.96 -14.05
CA ASN B 175 3.19 -52.08 -13.97
C ASN B 175 3.56 -53.47 -14.50
N MET B 176 4.85 -53.70 -14.65
CA MET B 176 5.25 -55.00 -15.25
C MET B 176 4.92 -56.12 -14.30
N LYS B 177 4.88 -55.86 -13.01
CA LYS B 177 4.50 -56.95 -12.09
C LYS B 177 3.11 -57.51 -12.43
N LEU B 178 2.25 -56.72 -13.06
CA LEU B 178 0.86 -57.19 -13.33
C LEU B 178 0.94 -58.28 -14.38
N SER B 179 2.04 -58.30 -15.12
CA SER B 179 2.19 -59.34 -16.16
C SER B 179 3.20 -60.41 -15.72
N SER B 180 4.00 -60.11 -14.69
CA SER B 180 5.05 -61.09 -14.31
C SER B 180 4.40 -62.32 -13.66
N ALA B 181 4.79 -63.52 -14.11
CA ALA B 181 4.29 -64.75 -13.44
C ALA B 181 5.17 -65.02 -12.22
N ASP B 182 6.32 -64.37 -12.12
CA ASP B 182 7.20 -64.48 -10.94
C ASP B 182 6.83 -63.38 -9.97
N GLU B 183 5.81 -63.65 -9.17
CA GLU B 183 5.41 -62.68 -8.13
C GLU B 183 6.49 -62.71 -7.04
N ASN B 184 7.42 -63.64 -7.17
CA ASN B 184 8.50 -63.78 -6.17
C ASN B 184 9.74 -62.98 -6.59
N LEU B 185 9.67 -62.25 -7.71
CA LEU B 185 10.85 -61.41 -8.04
C LEU B 185 10.70 -60.13 -7.24
N THR B 186 11.48 -60.01 -6.18
CA THR B 186 11.36 -58.88 -5.25
C THR B 186 12.56 -57.97 -5.40
N PHE B 187 13.75 -58.55 -5.51
CA PHE B 187 14.96 -57.77 -5.77
C PHE B 187 15.39 -58.05 -7.19
N LEU B 188 15.65 -57.00 -7.96
CA LEU B 188 16.00 -57.19 -9.37
C LEU B 188 16.80 -55.97 -9.79
N PRO B 189 17.60 -56.09 -10.86
CA PRO B 189 18.29 -54.95 -11.40
C PRO B 189 17.27 -54.00 -12.02
N CYS B 190 17.43 -52.72 -11.71
CA CYS B 190 16.38 -51.74 -12.09
C CYS B 190 16.49 -51.32 -13.54
N ARG B 191 15.60 -51.80 -14.40
CA ARG B 191 15.61 -51.35 -15.81
C ARG B 191 14.26 -50.74 -16.15
N PHE B 192 14.29 -49.62 -16.85
CA PHE B 192 13.03 -48.91 -17.07
C PHE B 192 12.04 -49.80 -17.77
N ARG B 193 12.52 -50.63 -18.66
CA ARG B 193 11.53 -51.45 -19.40
C ARG B 193 11.10 -52.66 -18.54
N SER B 194 11.72 -52.83 -17.37
CA SER B 194 11.39 -53.99 -16.49
C SER B 194 10.30 -53.65 -15.47
N VAL B 195 9.94 -52.38 -15.31
CA VAL B 195 8.92 -51.99 -14.31
C VAL B 195 7.76 -51.29 -15.00
N MET B 196 8.00 -50.36 -15.89
CA MET B 196 6.92 -49.55 -16.50
C MET B 196 6.55 -50.17 -17.81
N ARG B 197 5.28 -50.55 -17.93
CA ARG B 197 4.75 -51.18 -19.16
C ARG B 197 4.88 -50.18 -20.30
N MET B 198 5.29 -50.62 -21.48
CA MET B 198 5.43 -49.73 -22.67
C MET B 198 4.06 -49.18 -23.03
N ASP B 199 2.99 -49.97 -22.86
CA ASP B 199 1.61 -49.56 -23.26
C ASP B 199 1.13 -48.36 -22.42
N TYR B 200 1.63 -48.14 -21.21
CA TYR B 200 1.25 -46.95 -20.42
C TYR B 200 2.01 -45.74 -20.93
N MET B 201 3.30 -45.87 -21.16
CA MET B 201 4.09 -44.69 -21.58
C MET B 201 3.65 -44.22 -22.95
N VAL B 202 3.00 -45.06 -23.73
CA VAL B 202 2.67 -44.69 -25.11
C VAL B 202 1.25 -44.21 -25.15
N TYR B 203 0.31 -45.04 -24.78
CA TYR B 203 -1.11 -44.61 -24.91
C TYR B 203 -1.47 -43.53 -23.91
N PHE B 204 -0.87 -43.57 -22.72
CA PHE B 204 -1.32 -42.62 -21.66
C PHE B 204 -0.37 -41.46 -21.55
N SER B 205 0.91 -41.72 -21.24
CA SER B 205 1.89 -40.62 -20.99
C SER B 205 2.02 -39.74 -22.23
N PHE B 206 2.44 -40.32 -23.36
CA PHE B 206 2.75 -39.53 -24.57
C PHE B 206 1.51 -39.02 -25.30
N PHE B 207 0.57 -39.89 -25.62
CA PHE B 207 -0.54 -39.47 -26.46
C PHE B 207 -1.48 -38.56 -25.71
N LEU B 208 -1.38 -38.46 -24.39
CA LEU B 208 -2.42 -37.68 -23.66
C LEU B 208 -1.83 -36.50 -22.92
N TRP B 209 -0.60 -36.58 -22.52
CA TRP B 209 -0.03 -35.50 -21.69
C TRP B 209 1.23 -34.94 -22.34
N ILE B 210 1.59 -35.38 -23.55
CA ILE B 210 2.73 -34.77 -24.24
C ILE B 210 2.24 -34.28 -25.60
N LEU B 211 1.52 -35.10 -26.32
CA LEU B 211 1.03 -34.69 -27.64
C LEU B 211 -0.13 -33.70 -27.51
N VAL B 212 -1.08 -33.92 -26.61
CA VAL B 212 -2.27 -33.04 -26.50
C VAL B 212 -1.82 -31.63 -26.09
N PRO B 213 -0.92 -31.45 -25.12
CA PRO B 213 -0.43 -30.14 -24.86
C PRO B 213 0.25 -29.48 -26.08
N LEU B 214 1.01 -30.23 -26.85
CA LEU B 214 1.65 -29.66 -28.05
C LEU B 214 0.62 -29.21 -29.07
N VAL B 215 -0.43 -29.98 -29.31
CA VAL B 215 -1.45 -29.58 -30.32
C VAL B 215 -2.23 -28.34 -29.87
N VAL B 216 -2.65 -28.32 -28.63
CA VAL B 216 -3.40 -27.14 -28.11
C VAL B 216 -2.51 -25.90 -28.06
N MET B 217 -1.25 -26.01 -27.67
CA MET B 217 -0.37 -24.84 -27.72
C MET B 217 -0.20 -24.35 -29.15
N CYS B 218 -0.14 -25.27 -30.08
CA CYS B 218 0.01 -24.87 -31.49
C CYS B 218 -1.20 -24.05 -31.93
N ALA B 219 -2.39 -24.53 -31.64
CA ALA B 219 -3.60 -23.83 -32.12
C ALA B 219 -3.70 -22.46 -31.45
N ILE B 220 -3.38 -22.40 -30.18
CA ILE B 220 -3.46 -21.14 -29.41
C ILE B 220 -2.52 -20.10 -30.02
N TYR B 221 -1.28 -20.45 -30.27
CA TYR B 221 -0.34 -19.45 -30.74
C TYR B 221 -0.68 -19.02 -32.15
N PHE B 222 -1.19 -19.92 -32.94
CA PHE B 222 -1.51 -19.56 -34.33
C PHE B 222 -2.66 -18.56 -34.31
N ASP B 223 -3.69 -18.80 -33.52
CA ASP B 223 -4.84 -17.85 -33.48
C ASP B 223 -4.41 -16.52 -32.90
N ILE B 224 -3.52 -16.52 -31.91
CA ILE B 224 -3.01 -15.26 -31.33
C ILE B 224 -2.30 -14.44 -32.42
N PHE B 225 -1.47 -15.07 -33.21
CA PHE B 225 -0.73 -14.34 -34.26
C PHE B 225 -1.70 -13.80 -35.29
N TYR B 226 -2.69 -14.56 -35.64
CA TYR B 226 -3.65 -14.12 -36.65
C TYR B 226 -4.34 -12.85 -36.15
N ILE B 227 -4.78 -12.87 -34.91
CA ILE B 227 -5.56 -11.74 -34.36
C ILE B 227 -4.64 -10.54 -34.24
N ILE B 228 -3.43 -10.75 -33.74
CA ILE B 228 -2.55 -9.58 -33.50
C ILE B 228 -2.17 -8.95 -34.84
N ARG B 229 -1.98 -9.75 -35.88
CA ARG B 229 -1.66 -9.20 -37.21
C ARG B 229 -2.85 -8.39 -37.71
N ASN B 230 -4.05 -8.91 -37.53
CA ASN B 230 -5.23 -8.25 -38.10
C ASN B 230 -5.44 -6.92 -37.41
N ARG B 231 -5.12 -6.86 -36.14
CA ARG B 231 -5.35 -5.63 -35.38
C ARG B 231 -4.23 -4.64 -35.66
N LEU B 232 -2.96 -5.05 -35.62
CA LEU B 232 -1.85 -4.08 -35.81
C LEU B 232 -1.86 -3.55 -37.24
N GLU B 249 5.53 -7.05 -36.51
CA GLU B 249 4.63 -8.17 -36.10
C GLU B 249 5.31 -9.52 -36.37
N PHE B 250 6.43 -9.51 -37.07
CA PHE B 250 7.17 -10.76 -37.30
C PHE B 250 7.95 -11.11 -36.03
N LYS B 251 8.14 -10.15 -35.12
CA LYS B 251 8.79 -10.47 -33.83
C LYS B 251 7.93 -11.48 -33.05
N THR B 252 6.63 -11.24 -33.04
CA THR B 252 5.72 -12.16 -32.33
C THR B 252 5.76 -13.54 -32.97
N ALA B 253 5.79 -13.56 -34.30
CA ALA B 253 5.73 -14.85 -35.00
C ALA B 253 6.99 -15.63 -34.68
N LYS B 254 8.11 -14.93 -34.64
CA LYS B 254 9.40 -15.58 -34.34
C LYS B 254 9.34 -16.18 -32.95
N SER B 255 8.81 -15.43 -32.00
CA SER B 255 8.81 -15.94 -30.61
C SER B 255 7.89 -17.15 -30.47
N LEU B 256 6.71 -17.08 -31.06
CA LEU B 256 5.75 -18.19 -30.94
C LEU B 256 6.34 -19.47 -31.57
N LEU B 257 7.00 -19.30 -32.68
CA LEU B 257 7.55 -20.47 -33.39
C LEU B 257 8.72 -21.06 -32.60
N LEU B 258 9.56 -20.21 -32.06
CA LEU B 258 10.67 -20.70 -31.26
C LEU B 258 10.06 -21.57 -30.19
N VAL B 259 8.99 -21.15 -29.52
CA VAL B 259 8.47 -21.89 -28.36
C VAL B 259 7.96 -23.25 -28.80
N LEU B 260 7.15 -23.25 -29.81
CA LEU B 260 6.56 -24.53 -30.25
C LEU B 260 7.67 -25.48 -30.74
N PHE B 261 8.61 -24.93 -31.51
CA PHE B 261 9.72 -25.71 -32.11
C PHE B 261 10.53 -26.42 -31.03
N LEU B 262 11.07 -25.69 -30.05
CA LEU B 262 11.92 -26.28 -28.97
C LEU B 262 11.16 -27.39 -28.27
N PHE B 263 9.93 -27.16 -27.85
CA PHE B 263 9.14 -28.15 -27.07
C PHE B 263 8.96 -29.42 -27.91
N ALA B 264 8.58 -29.29 -29.18
CA ALA B 264 8.40 -30.44 -30.10
C ALA B 264 9.78 -31.04 -30.41
N LEU B 265 10.81 -30.21 -30.53
CA LEU B 265 12.18 -30.66 -30.87
C LEU B 265 12.71 -31.55 -29.75
N CYS B 266 12.27 -31.34 -28.51
CA CYS B 266 12.81 -32.06 -27.33
C CYS B 266 11.88 -33.16 -26.78
N TRP B 267 10.56 -33.08 -26.97
CA TRP B 267 9.67 -34.09 -26.36
C TRP B 267 9.19 -35.14 -27.35
N LEU B 268 9.37 -34.89 -28.61
CA LEU B 268 8.85 -35.84 -29.59
C LEU B 268 9.90 -36.94 -29.83
N PRO B 269 11.21 -36.65 -29.76
CA PRO B 269 12.19 -37.69 -29.92
C PRO B 269 11.98 -38.97 -29.08
N LEU B 270 12.00 -38.81 -27.77
CA LEU B 270 11.91 -40.03 -26.92
C LEU B 270 10.55 -40.67 -27.08
N SER B 271 9.54 -39.86 -27.33
CA SER B 271 8.16 -40.37 -27.43
C SER B 271 8.13 -41.30 -28.62
N ILE B 272 8.78 -40.91 -29.71
CA ILE B 272 8.65 -41.78 -30.89
C ILE B 272 9.49 -43.04 -30.65
N ILE B 273 10.57 -42.89 -29.90
CA ILE B 273 11.45 -44.04 -29.63
C ILE B 273 10.62 -45.06 -28.87
N ASN B 274 9.90 -44.59 -27.87
CA ASN B 274 9.10 -45.50 -27.05
C ASN B 274 8.00 -46.10 -27.90
N CYS B 275 7.39 -45.28 -28.73
CA CYS B 275 6.26 -45.79 -29.49
C CYS B 275 6.77 -46.92 -30.34
N ILE B 276 7.99 -46.75 -30.85
CA ILE B 276 8.51 -47.81 -31.76
C ILE B 276 8.86 -49.05 -30.95
N LEU B 277 9.40 -48.83 -29.77
CA LEU B 277 9.81 -49.97 -28.94
C LEU B 277 8.55 -50.73 -28.52
N TYR B 278 7.39 -50.09 -28.52
CA TYR B 278 6.17 -50.74 -27.99
C TYR B 278 5.47 -51.52 -29.09
N PHE B 279 5.64 -51.06 -30.33
CA PHE B 279 5.17 -51.83 -31.51
C PHE B 279 6.28 -52.82 -31.93
N ASP B 280 7.03 -53.30 -30.95
CA ASP B 280 8.03 -54.38 -31.15
C ASP B 280 9.09 -53.93 -32.17
N GLY B 281 9.33 -52.62 -32.24
CA GLY B 281 10.42 -52.07 -33.07
C GLY B 281 11.71 -51.92 -32.29
N GLN B 282 12.85 -51.96 -32.96
CA GLN B 282 14.14 -51.92 -32.28
C GLN B 282 14.73 -50.54 -32.48
N VAL B 283 15.57 -50.14 -31.56
CA VAL B 283 16.21 -48.82 -31.62
C VAL B 283 17.60 -48.96 -31.03
N PRO B 284 18.65 -48.46 -31.66
CA PRO B 284 19.97 -48.48 -31.02
C PRO B 284 20.04 -47.79 -29.66
N GLN B 285 20.91 -48.27 -28.77
CA GLN B 285 20.93 -47.74 -27.39
C GLN B 285 21.32 -46.29 -27.44
N THR B 286 22.14 -45.99 -28.44
CA THR B 286 22.58 -44.61 -28.61
C THR B 286 21.36 -43.73 -28.82
N VAL B 287 20.39 -44.25 -29.56
CA VAL B 287 19.22 -43.39 -29.86
C VAL B 287 18.43 -43.15 -28.57
N LEU B 288 18.36 -44.16 -27.71
CA LEU B 288 17.62 -44.02 -26.44
C LEU B 288 18.28 -42.96 -25.62
N TYR B 289 19.60 -43.00 -25.61
CA TYR B 289 20.31 -41.98 -24.80
C TYR B 289 19.99 -40.61 -25.37
N LEU B 290 19.96 -40.53 -26.68
CA LEU B 290 19.71 -39.22 -27.31
C LEU B 290 18.31 -38.69 -26.94
N GLY B 291 17.27 -39.53 -26.99
CA GLY B 291 15.91 -39.06 -26.65
C GLY B 291 15.77 -38.56 -25.22
N ILE B 292 16.27 -39.34 -24.30
CA ILE B 292 16.26 -38.94 -22.89
C ILE B 292 17.02 -37.61 -22.78
N LEU B 293 18.17 -37.44 -23.45
CA LEU B 293 18.93 -36.21 -23.23
C LEU B 293 18.14 -35.04 -23.80
N LEU B 294 17.39 -35.30 -24.86
CA LEU B 294 16.71 -34.17 -25.49
C LEU B 294 15.61 -33.66 -24.56
N SER B 295 14.91 -34.58 -23.94
CA SER B 295 13.83 -34.16 -23.03
C SER B 295 14.37 -33.33 -21.88
N HIS B 296 15.39 -33.85 -21.27
CA HIS B 296 15.93 -33.16 -20.09
C HIS B 296 16.63 -31.85 -20.50
N ALA B 297 16.76 -31.65 -21.79
CA ALA B 297 17.39 -30.40 -22.28
C ALA B 297 16.31 -29.35 -22.49
N ASN B 298 15.10 -29.80 -22.78
CA ASN B 298 13.99 -28.82 -22.87
C ASN B 298 13.80 -28.23 -21.50
N SER B 299 14.03 -29.03 -20.52
CA SER B 299 13.90 -28.59 -19.14
C SER B 299 14.77 -27.36 -18.93
N MET B 300 15.96 -27.30 -19.50
CA MET B 300 16.87 -26.14 -19.26
C MET B 300 16.62 -25.06 -20.30
N MET B 301 16.09 -25.43 -21.45
CA MET B 301 15.90 -24.42 -22.52
C MET B 301 14.70 -23.52 -22.23
N ASN B 302 13.73 -23.98 -21.46
CA ASN B 302 12.49 -23.22 -21.26
C ASN B 302 12.79 -21.86 -20.69
N PRO B 303 13.63 -21.70 -19.66
CA PRO B 303 13.89 -20.38 -19.16
C PRO B 303 14.34 -19.35 -20.20
N ILE B 304 15.14 -19.76 -21.19
CA ILE B 304 15.75 -18.80 -22.17
C ILE B 304 14.72 -18.36 -23.23
N VAL B 305 13.68 -19.15 -23.50
CA VAL B 305 12.72 -18.85 -24.62
C VAL B 305 11.37 -18.39 -24.09
N TYR B 306 11.19 -18.28 -22.78
CA TYR B 306 9.90 -17.85 -22.16
C TYR B 306 10.09 -16.60 -21.30
N ALA B 307 10.94 -16.66 -20.26
CA ALA B 307 11.14 -15.56 -19.33
C ALA B 307 12.03 -14.51 -19.94
N TYR B 308 12.86 -14.84 -20.89
CA TYR B 308 13.84 -13.85 -21.39
C TYR B 308 13.23 -13.04 -22.52
N LYS B 309 12.03 -13.38 -22.92
CA LYS B 309 11.34 -12.59 -23.96
C LYS B 309 10.47 -11.48 -23.36
N ILE B 310 10.33 -11.39 -22.04
CA ILE B 310 9.59 -10.25 -21.42
C ILE B 310 10.63 -9.16 -21.15
N LYS B 311 10.34 -7.97 -21.62
CA LYS B 311 11.34 -6.89 -21.51
C LYS B 311 11.68 -6.64 -20.06
N LYS B 312 10.68 -6.75 -19.21
CA LYS B 312 10.91 -6.43 -17.79
C LYS B 312 11.91 -7.45 -17.23
N PHE B 313 11.72 -8.70 -17.66
CA PHE B 313 12.58 -9.75 -17.07
C PHE B 313 13.99 -9.53 -17.57
N LYS B 314 14.10 -9.17 -18.83
CA LYS B 314 15.45 -9.00 -19.41
C LYS B 314 16.14 -7.89 -18.66
N GLU B 315 15.41 -6.83 -18.38
CA GLU B 315 16.08 -5.66 -17.78
C GLU B 315 16.56 -6.09 -16.41
N THR B 316 15.73 -6.85 -15.73
CA THR B 316 16.10 -7.22 -14.36
C THR B 316 17.31 -8.15 -14.40
N TYR B 317 17.28 -9.06 -15.36
CA TYR B 317 18.35 -10.09 -15.41
C TYR B 317 19.67 -9.43 -15.77
N LEU B 318 19.59 -8.47 -16.69
CA LEU B 318 20.82 -7.78 -17.09
C LEU B 318 21.32 -6.94 -15.93
N LEU B 319 20.40 -6.32 -15.18
CA LEU B 319 20.85 -5.53 -14.01
C LEU B 319 21.56 -6.46 -13.04
N ILE B 320 21.03 -7.66 -12.88
CA ILE B 320 21.62 -8.56 -11.86
C ILE B 320 22.88 -9.16 -12.45
N THR C 83 2.57 -16.44 21.51
CA THR C 83 1.93 -16.06 22.79
C THR C 83 1.14 -14.78 22.61
N LEU C 84 -0.18 -14.89 22.52
CA LEU C 84 -1.03 -13.68 22.34
C LEU C 84 -2.01 -13.55 23.49
N SER C 85 -2.28 -12.33 23.95
CA SER C 85 -3.23 -12.06 25.06
C SER C 85 -4.66 -12.16 24.51
N ALA C 86 -5.67 -12.04 25.37
CA ALA C 86 -7.09 -12.12 24.97
C ALA C 86 -7.44 -10.95 24.03
N GLU C 87 -6.69 -9.85 24.09
CA GLU C 87 -7.01 -8.63 23.28
C GLU C 87 -6.20 -8.62 21.97
N ASP C 88 -4.99 -9.18 21.92
CA ASP C 88 -4.14 -9.10 20.73
C ASP C 88 -4.75 -9.98 19.64
N LYS C 89 -5.39 -11.04 20.05
CA LYS C 89 -6.01 -11.93 19.06
C LYS C 89 -7.17 -11.22 18.37
N ALA C 90 -7.94 -10.43 19.12
CA ALA C 90 -9.01 -9.67 18.45
C ALA C 90 -8.42 -8.56 17.57
N ALA C 91 -7.31 -7.97 17.98
CA ALA C 91 -6.66 -6.97 17.13
C ALA C 91 -6.25 -7.60 15.80
N VAL C 92 -5.74 -8.82 15.84
CA VAL C 92 -5.27 -9.48 14.60
C VAL C 92 -6.48 -9.76 13.74
N GLU C 93 -7.58 -10.07 14.38
CA GLU C 93 -8.78 -10.36 13.59
C GLU C 93 -9.22 -9.08 12.89
N ARG C 94 -9.10 -7.96 13.58
CA ARG C 94 -9.55 -6.68 12.99
C ARG C 94 -8.63 -6.32 11.83
N SER C 95 -7.34 -6.53 11.98
CA SER C 95 -6.38 -6.24 10.91
C SER C 95 -6.70 -7.07 9.69
N LYS C 96 -7.03 -8.32 9.88
CA LYS C 96 -7.29 -9.22 8.74
C LYS C 96 -8.57 -8.79 8.04
N MET C 97 -9.55 -8.36 8.81
CA MET C 97 -10.80 -7.91 8.18
C MET C 97 -10.53 -6.65 7.36
N ILE C 98 -9.70 -5.77 7.89
CA ILE C 98 -9.33 -4.54 7.14
C ILE C 98 -8.57 -4.92 5.87
N ASP C 99 -7.68 -5.91 5.95
CA ASP C 99 -6.90 -6.32 4.78
C ASP C 99 -7.86 -6.81 3.71
N ARG C 100 -8.86 -7.56 4.13
CA ARG C 100 -9.80 -8.12 3.15
C ARG C 100 -10.53 -6.98 2.45
N ASN C 101 -10.92 -6.00 3.21
CA ASN C 101 -11.68 -4.88 2.64
C ASN C 101 -10.78 -4.09 1.70
N LEU C 102 -9.52 -3.87 2.09
CA LEU C 102 -8.59 -3.11 1.22
C LEU C 102 -8.39 -3.87 -0.10
N ARG C 103 -8.25 -5.17 -0.03
CA ARG C 103 -7.99 -5.91 -1.27
C ARG C 103 -9.22 -5.87 -2.15
N GLU C 104 -10.39 -6.03 -1.56
CA GLU C 104 -11.60 -6.12 -2.40
C GLU C 104 -11.96 -4.75 -2.99
N ASP C 105 -11.51 -3.69 -2.36
CA ASP C 105 -11.76 -2.35 -2.95
C ASP C 105 -10.67 -1.99 -3.96
N GLY C 106 -9.44 -2.44 -3.75
CA GLY C 106 -8.41 -2.23 -4.79
C GLY C 106 -8.77 -2.94 -6.08
N GLU C 107 -9.36 -4.11 -5.97
CA GLU C 107 -9.83 -4.79 -7.19
C GLU C 107 -10.86 -3.92 -7.90
N LYS C 108 -11.83 -3.41 -7.17
CA LYS C 108 -12.88 -2.56 -7.78
C LYS C 108 -12.24 -1.34 -8.44
N ALA C 109 -11.14 -0.88 -7.90
CA ALA C 109 -10.48 0.32 -8.43
C ALA C 109 -9.60 0.00 -9.63
N ALA C 110 -9.38 -1.27 -9.92
CA ALA C 110 -8.43 -1.63 -10.99
C ALA C 110 -9.18 -1.98 -12.26
N ARG C 111 -10.49 -1.94 -12.21
CA ARG C 111 -11.31 -2.21 -13.41
C ARG C 111 -11.70 -0.87 -14.02
N GLU C 112 -11.06 0.21 -13.56
CA GLU C 112 -11.47 1.57 -14.00
C GLU C 112 -10.40 2.18 -14.90
N VAL C 113 -10.80 2.69 -16.07
CA VAL C 113 -9.88 3.29 -17.06
C VAL C 113 -9.70 4.74 -16.65
N LYS C 114 -8.48 5.09 -16.36
CA LYS C 114 -8.19 6.48 -15.98
C LYS C 114 -7.71 7.27 -17.20
N LEU C 115 -8.39 8.36 -17.55
CA LEU C 115 -8.05 9.17 -18.72
C LEU C 115 -7.80 10.59 -18.28
N LEU C 116 -6.61 11.08 -18.50
CA LEU C 116 -6.29 12.49 -18.23
C LEU C 116 -6.81 13.31 -19.38
N LEU C 117 -7.26 14.50 -19.10
CA LEU C 117 -7.75 15.43 -20.16
C LEU C 117 -6.83 16.63 -20.11
N LEU C 118 -6.22 16.97 -21.23
CA LEU C 118 -5.26 18.10 -21.28
C LEU C 118 -5.57 18.95 -22.50
N GLY C 119 -4.85 20.04 -22.62
CA GLY C 119 -5.08 20.95 -23.75
C GLY C 119 -5.18 22.39 -23.32
N ALA C 120 -5.27 23.31 -24.28
CA ALA C 120 -5.31 24.75 -23.95
C ALA C 120 -6.75 25.17 -23.65
N GLY C 121 -6.95 26.41 -23.22
CA GLY C 121 -8.31 26.88 -22.96
C GLY C 121 -9.10 27.06 -24.23
N GLU C 122 -10.43 26.87 -24.16
CA GLU C 122 -11.29 27.05 -25.36
C GLU C 122 -10.82 26.13 -26.46
N SER C 123 -10.28 25.00 -26.05
CA SER C 123 -9.81 23.98 -27.01
C SER C 123 -10.87 22.89 -27.08
N GLY C 124 -12.02 23.21 -26.50
CA GLY C 124 -13.10 22.24 -26.48
C GLY C 124 -13.10 21.45 -25.20
N LYS C 125 -12.22 21.79 -24.25
CA LYS C 125 -12.15 20.95 -23.03
C LYS C 125 -13.53 20.95 -22.37
N SER C 126 -14.09 22.14 -22.24
CA SER C 126 -15.45 22.27 -21.67
C SER C 126 -16.44 21.59 -22.61
N THR C 127 -16.23 21.74 -23.90
CA THR C 127 -17.17 21.13 -24.87
C THR C 127 -17.10 19.61 -24.76
N ILE C 128 -15.88 19.09 -24.60
CA ILE C 128 -15.74 17.62 -24.61
C ILE C 128 -16.33 17.06 -23.32
N VAL C 129 -16.10 17.72 -22.20
CA VAL C 129 -16.57 17.13 -20.93
C VAL C 129 -18.08 17.02 -20.97
N LYS C 130 -18.75 18.01 -21.58
CA LYS C 130 -20.23 17.89 -21.74
C LYS C 130 -20.59 16.84 -22.78
N GLN C 131 -19.83 16.81 -23.87
CA GLN C 131 -20.08 15.81 -24.93
C GLN C 131 -19.80 14.43 -24.36
N MET C 132 -18.80 14.33 -23.50
CA MET C 132 -18.41 13.01 -22.98
C MET C 132 -19.57 12.42 -22.19
N LYS C 133 -19.76 11.12 -22.37
CA LYS C 133 -20.87 10.43 -21.68
C LYS C 133 -20.67 10.54 -20.18
N GLY C 262 -11.46 22.85 -8.55
CA GLY C 262 -10.22 22.04 -8.48
C GLY C 262 -10.15 20.99 -9.57
N ILE C 263 -9.69 19.80 -9.25
CA ILE C 263 -9.77 18.71 -10.27
C ILE C 263 -11.21 18.29 -10.37
N VAL C 264 -11.67 18.22 -11.58
CA VAL C 264 -13.07 17.84 -11.82
C VAL C 264 -13.09 16.45 -12.40
N GLU C 265 -13.71 15.53 -11.68
CA GLU C 265 -13.71 14.14 -12.12
C GLU C 265 -15.06 13.84 -12.71
N THR C 266 -15.02 13.28 -13.90
CA THR C 266 -16.26 12.84 -14.54
C THR C 266 -16.20 11.31 -14.65
N HIS C 267 -17.12 10.66 -13.98
CA HIS C 267 -17.16 9.21 -14.03
C HIS C 267 -18.28 8.88 -14.99
N PHE C 268 -17.93 8.13 -16.00
CA PHE C 268 -18.96 7.71 -16.96
C PHE C 268 -18.73 6.27 -17.38
N THR C 269 -19.82 5.59 -17.65
CA THR C 269 -19.73 4.19 -18.08
C THR C 269 -20.03 4.15 -19.56
N PHE C 270 -19.15 3.47 -20.29
CA PHE C 270 -19.40 3.27 -21.73
C PHE C 270 -19.06 1.83 -22.08
N LYS C 271 -20.07 1.10 -22.56
CA LYS C 271 -19.83 -0.29 -23.01
C LYS C 271 -19.17 -1.08 -21.88
N ASP C 272 -19.62 -0.88 -20.66
CA ASP C 272 -19.20 -1.70 -19.50
C ASP C 272 -17.83 -1.29 -19.02
N LEU C 273 -17.25 -0.27 -19.64
CA LEU C 273 -15.96 0.24 -19.16
C LEU C 273 -16.25 1.48 -18.35
N HIS C 274 -15.73 1.49 -17.14
CA HIS C 274 -15.96 2.64 -16.26
C HIS C 274 -14.77 3.56 -16.35
N PHE C 275 -15.01 4.76 -16.85
CA PHE C 275 -13.93 5.71 -17.12
C PHE C 275 -13.98 6.83 -16.12
N LYS C 276 -12.83 7.12 -15.55
CA LYS C 276 -12.73 8.32 -14.73
C LYS C 276 -11.94 9.31 -15.58
N MET C 277 -12.61 10.35 -16.09
CA MET C 277 -11.90 11.40 -16.86
C MET C 277 -11.59 12.54 -15.92
N PHE C 278 -10.33 12.81 -15.75
CA PHE C 278 -9.90 13.87 -14.86
C PHE C 278 -9.58 15.11 -15.68
N ASP C 279 -10.34 16.17 -15.46
CA ASP C 279 -10.02 17.47 -16.07
C ASP C 279 -9.24 18.27 -15.03
N VAL C 280 -8.05 18.69 -15.40
CA VAL C 280 -7.21 19.43 -14.44
C VAL C 280 -6.95 20.83 -14.98
N GLY C 281 -7.83 21.32 -15.86
CA GLY C 281 -7.66 22.70 -16.36
C GLY C 281 -7.88 23.73 -15.28
N GLY C 282 -8.52 23.34 -14.20
CA GLY C 282 -8.77 24.26 -13.09
C GLY C 282 -7.50 24.65 -12.39
N GLN C 283 -6.47 23.81 -12.41
CA GLN C 283 -5.27 24.20 -11.65
C GLN C 283 -4.67 25.36 -12.40
N ARG C 284 -4.73 26.52 -11.77
CA ARG C 284 -4.25 27.75 -12.44
C ARG C 284 -2.74 27.88 -12.29
N SER C 285 -2.07 26.93 -11.63
CA SER C 285 -0.59 27.00 -11.63
C SER C 285 -0.07 26.06 -12.70
N GLU C 286 0.58 26.57 -13.74
CA GLU C 286 1.02 25.69 -14.86
C GLU C 286 2.39 25.10 -14.53
N ARG C 287 2.44 24.38 -13.40
CA ARG C 287 3.76 23.93 -12.94
C ARG C 287 3.95 22.43 -13.05
N LYS C 288 3.02 21.69 -13.67
CA LYS C 288 3.26 20.25 -13.90
C LYS C 288 3.89 19.56 -12.68
N LYS C 289 3.58 20.00 -11.47
CA LYS C 289 4.07 19.30 -10.25
C LYS C 289 3.10 18.21 -9.86
N TRP C 290 2.11 17.95 -10.68
CA TRP C 290 1.19 16.85 -10.43
C TRP C 290 1.01 16.00 -11.64
N ILE C 291 1.68 16.27 -12.75
CA ILE C 291 1.46 15.35 -13.88
C ILE C 291 2.02 13.97 -13.52
N HIS C 292 3.02 13.90 -12.66
CA HIS C 292 3.52 12.57 -12.27
C HIS C 292 2.45 11.75 -11.55
N CYS C 293 1.44 12.40 -11.05
CA CYS C 293 0.35 11.72 -10.34
C CYS C 293 -0.55 11.05 -11.33
N PHE C 294 -0.35 11.32 -12.60
CA PHE C 294 -1.27 10.76 -13.61
C PHE C 294 -0.60 9.64 -14.38
N GLU C 295 0.43 9.03 -13.82
CA GLU C 295 0.98 7.85 -14.50
C GLU C 295 -0.10 6.79 -14.49
N GLY C 296 0.04 5.82 -15.33
CA GLY C 296 -0.88 4.69 -15.27
C GLY C 296 -2.19 4.99 -15.90
N VAL C 297 -2.40 6.26 -16.20
CA VAL C 297 -3.64 6.58 -16.93
C VAL C 297 -3.55 5.88 -18.26
N THR C 298 -4.63 5.26 -18.65
CA THR C 298 -4.66 4.54 -19.93
C THR C 298 -4.32 5.50 -21.07
N ALA C 299 -4.78 6.74 -21.08
CA ALA C 299 -4.51 7.66 -22.20
C ALA C 299 -4.62 9.12 -21.80
N ILE C 300 -4.08 10.03 -22.60
CA ILE C 300 -4.21 11.48 -22.37
C ILE C 300 -5.04 12.00 -23.52
N ILE C 301 -6.20 12.57 -23.24
CA ILE C 301 -7.08 13.11 -24.32
C ILE C 301 -6.70 14.55 -24.50
N PHE C 302 -6.04 14.88 -25.62
CA PHE C 302 -5.52 16.26 -25.80
C PHE C 302 -6.39 16.92 -26.82
N CYS C 303 -6.96 18.03 -26.43
CA CYS C 303 -7.90 18.75 -27.29
C CYS C 303 -7.27 20.04 -27.76
N VAL C 304 -7.37 20.28 -29.06
CA VAL C 304 -6.80 21.50 -29.67
C VAL C 304 -7.87 22.04 -30.62
N ALA C 305 -7.85 23.36 -30.88
CA ALA C 305 -8.86 24.02 -31.75
C ALA C 305 -8.16 24.65 -32.96
N LEU C 306 -8.54 24.25 -34.18
CA LEU C 306 -8.00 24.83 -35.43
C LEU C 306 -8.34 26.32 -35.46
N SER C 307 -9.56 26.69 -35.05
CA SER C 307 -10.02 28.10 -35.03
C SER C 307 -9.56 28.78 -33.73
N ASN C 320 -0.53 33.35 -32.38
CA ASN C 320 -0.04 32.06 -32.91
C ASN C 320 -0.46 30.96 -31.94
N ARG C 321 -1.76 30.81 -31.74
CA ARG C 321 -2.25 29.85 -30.71
C ARG C 321 -1.81 28.45 -31.09
N MET C 322 -1.71 28.21 -32.40
CA MET C 322 -1.40 26.84 -32.81
C MET C 322 0.00 26.48 -32.33
N HIS C 323 0.91 27.43 -32.38
CA HIS C 323 2.28 27.18 -31.88
C HIS C 323 2.23 26.88 -30.39
N GLU C 324 1.32 27.55 -29.70
CA GLU C 324 1.18 27.24 -28.27
C GLU C 324 0.73 25.78 -28.09
N SER C 325 -0.22 25.37 -28.91
CA SER C 325 -0.73 23.99 -28.78
C SER C 325 0.38 23.02 -29.14
N MET C 326 1.19 23.37 -30.14
CA MET C 326 2.24 22.44 -30.58
C MET C 326 3.23 22.28 -29.44
N LYS C 327 3.57 23.36 -28.77
CA LYS C 327 4.59 23.23 -27.72
C LYS C 327 4.00 22.42 -26.58
N LEU C 328 2.72 22.62 -26.30
CA LEU C 328 2.09 21.80 -25.25
C LEU C 328 2.10 20.31 -25.65
N PHE C 329 1.75 19.99 -26.89
CA PHE C 329 1.69 18.57 -27.32
C PHE C 329 3.07 17.95 -27.24
N ASP C 330 4.08 18.70 -27.63
CA ASP C 330 5.46 18.19 -27.57
C ASP C 330 5.78 17.94 -26.12
N SER C 331 5.33 18.84 -25.27
CA SER C 331 5.68 18.70 -23.85
C SER C 331 5.05 17.43 -23.33
N ILE C 332 3.74 17.24 -23.57
CA ILE C 332 3.01 16.12 -22.94
C ILE C 332 3.52 14.79 -23.51
N CYS C 333 3.85 14.76 -24.81
CA CYS C 333 4.28 13.51 -25.49
C CYS C 333 5.69 13.16 -25.04
N ASN C 334 6.63 14.09 -25.20
CA ASN C 334 8.06 13.85 -24.89
C ASN C 334 8.20 13.51 -23.39
N ASN C 335 7.20 13.85 -22.58
CA ASN C 335 7.41 13.90 -21.13
C ASN C 335 7.66 12.47 -20.70
N LYS C 336 8.56 12.25 -19.73
CA LYS C 336 9.00 10.90 -19.29
C LYS C 336 7.97 10.14 -18.44
N TRP C 337 7.13 10.83 -17.65
CA TRP C 337 6.07 10.18 -16.83
C TRP C 337 5.11 9.50 -17.81
N PHE C 338 5.05 10.01 -19.04
CA PHE C 338 4.06 9.55 -20.05
C PHE C 338 4.78 8.96 -21.26
N THR C 339 5.88 8.24 -21.01
CA THR C 339 6.74 7.67 -22.09
C THR C 339 5.90 6.80 -23.01
N ASP C 340 5.04 5.93 -22.44
CA ASP C 340 4.38 4.87 -23.22
C ASP C 340 2.89 5.18 -23.36
N THR C 341 2.40 6.19 -22.64
CA THR C 341 0.95 6.48 -22.58
C THR C 341 0.49 7.00 -23.95
N SER C 342 -0.22 6.16 -24.72
CA SER C 342 -0.76 6.57 -26.03
C SER C 342 -1.70 7.78 -25.85
N ILE C 343 -1.65 8.74 -26.78
CA ILE C 343 -2.36 10.04 -26.61
C ILE C 343 -3.46 10.13 -27.68
N ILE C 344 -4.62 10.68 -27.29
CA ILE C 344 -5.80 10.72 -28.21
C ILE C 344 -6.01 12.17 -28.65
N LEU C 345 -5.27 12.63 -29.66
CA LEU C 345 -5.38 14.02 -30.18
C LEU C 345 -6.79 14.22 -30.73
N PHE C 346 -7.39 15.41 -30.53
CA PHE C 346 -8.78 15.71 -30.97
C PHE C 346 -8.86 17.07 -31.67
N LEU C 347 -9.52 17.12 -32.84
CA LEU C 347 -9.98 18.40 -33.44
C LEU C 347 -11.50 18.37 -33.50
N ASN C 348 -12.14 18.17 -32.34
CA ASN C 348 -13.61 17.89 -32.25
C ASN C 348 -14.37 18.71 -33.28
N LYS C 349 -14.47 20.02 -33.08
CA LYS C 349 -15.41 20.88 -33.87
C LYS C 349 -15.04 20.82 -35.36
N LYS C 350 -16.02 21.02 -36.24
CA LYS C 350 -15.77 21.02 -37.69
C LYS C 350 -16.79 21.94 -38.38
N ASP C 351 -17.50 22.78 -37.64
CA ASP C 351 -18.44 23.72 -38.28
C ASP C 351 -17.84 25.12 -38.41
N LEU C 352 -16.72 25.37 -37.74
CA LEU C 352 -16.08 26.69 -37.87
C LEU C 352 -14.62 26.51 -38.29
N PHE C 353 -14.23 25.28 -38.58
CA PHE C 353 -12.82 25.02 -38.94
C PHE C 353 -12.57 25.25 -40.43
N GLU C 354 -13.64 25.42 -41.22
CA GLU C 354 -13.54 25.57 -42.69
C GLU C 354 -13.81 27.00 -43.10
N GLU C 355 -14.81 27.66 -42.51
CA GLU C 355 -15.24 29.02 -42.91
C GLU C 355 -14.08 30.00 -42.79
N LYS C 356 -13.22 29.85 -41.78
CA LYS C 356 -12.11 30.82 -41.53
C LYS C 356 -10.85 30.45 -42.32
N ILE C 357 -10.89 29.42 -43.18
CA ILE C 357 -9.72 29.12 -44.04
C ILE C 357 -9.87 29.92 -45.32
N LYS C 358 -11.06 30.42 -45.62
CA LYS C 358 -11.20 31.33 -46.78
C LYS C 358 -10.64 32.72 -46.47
N LYS C 359 -10.33 33.03 -45.20
CA LYS C 359 -9.73 34.37 -44.98
C LYS C 359 -8.31 34.37 -45.56
N SER C 360 -7.55 33.31 -45.30
CA SER C 360 -6.15 33.25 -45.76
C SER C 360 -5.66 31.82 -45.57
N PRO C 361 -4.62 31.37 -46.29
CA PRO C 361 -4.13 30.02 -46.12
C PRO C 361 -3.46 29.82 -44.76
N LEU C 362 -2.89 28.64 -44.55
CA LEU C 362 -2.17 28.38 -43.28
C LEU C 362 -0.80 29.05 -43.36
N THR C 363 -0.83 30.35 -43.58
CA THR C 363 0.43 31.11 -43.60
C THR C 363 0.22 32.37 -42.79
N ILE C 364 -0.87 32.46 -42.03
CA ILE C 364 -1.00 33.63 -41.13
C ILE C 364 0.19 33.64 -40.17
N CYS C 365 0.58 32.48 -39.68
CA CYS C 365 1.78 32.44 -38.81
C CYS C 365 2.57 31.18 -39.12
N TYR C 366 2.30 30.55 -40.27
CA TYR C 366 3.05 29.34 -40.66
C TYR C 366 3.50 29.50 -42.10
N PRO C 367 4.63 30.18 -42.34
CA PRO C 367 5.04 30.41 -43.71
C PRO C 367 5.38 29.13 -44.49
N GLU C 368 5.82 28.08 -43.81
CA GLU C 368 6.36 26.89 -44.51
C GLU C 368 5.34 26.17 -45.39
N TYR C 369 4.06 26.31 -45.11
CA TYR C 369 3.05 25.53 -45.85
C TYR C 369 2.96 26.00 -47.28
N ALA C 370 2.88 25.04 -48.20
CA ALA C 370 2.84 25.37 -49.63
C ALA C 370 1.71 24.63 -50.34
N GLY C 371 0.70 24.22 -49.60
CA GLY C 371 -0.36 23.41 -50.19
C GLY C 371 -1.60 24.20 -50.51
N SER C 372 -2.56 23.50 -51.09
CA SER C 372 -3.84 24.13 -51.45
C SER C 372 -4.50 24.71 -50.20
N ASN C 373 -5.03 25.92 -50.32
CA ASN C 373 -5.68 26.56 -49.16
C ASN C 373 -7.12 26.09 -49.05
N THR C 374 -7.30 24.78 -48.95
CA THR C 374 -8.65 24.20 -48.74
C THR C 374 -8.68 23.53 -47.37
N TYR C 375 -9.86 23.07 -46.95
CA TYR C 375 -9.96 22.48 -45.61
C TYR C 375 -9.20 21.17 -45.51
N GLU C 376 -9.49 20.24 -46.42
CA GLU C 376 -8.86 18.91 -46.29
C GLU C 376 -7.34 19.02 -46.40
N GLU C 377 -6.83 19.80 -47.33
CA GLU C 377 -5.37 19.83 -47.51
C GLU C 377 -4.71 20.44 -46.28
N ALA C 378 -5.23 21.58 -45.86
CA ALA C 378 -4.58 22.28 -44.73
C ALA C 378 -4.76 21.48 -43.46
N ALA C 379 -5.95 20.90 -43.31
CA ALA C 379 -6.22 20.19 -42.04
C ALA C 379 -5.31 18.98 -41.96
N ALA C 380 -5.11 18.35 -43.11
CA ALA C 380 -4.31 17.12 -43.10
C ALA C 380 -2.88 17.54 -42.82
N TYR C 381 -2.48 18.68 -43.37
CA TYR C 381 -1.10 19.13 -43.13
C TYR C 381 -0.88 19.40 -41.64
N ILE C 382 -1.85 20.03 -41.01
CA ILE C 382 -1.70 20.37 -39.57
C ILE C 382 -1.65 19.09 -38.78
N GLN C 383 -2.49 18.13 -39.17
CA GLN C 383 -2.57 16.87 -38.40
C GLN C 383 -1.22 16.20 -38.48
N CYS C 384 -0.66 16.18 -39.67
CA CYS C 384 0.63 15.49 -39.85
C CYS C 384 1.71 16.22 -39.08
N GLN C 385 1.66 17.55 -39.07
CA GLN C 385 2.74 18.28 -38.38
C GLN C 385 2.67 18.05 -36.89
N PHE C 386 1.48 18.01 -36.34
CA PHE C 386 1.37 17.65 -34.91
C PHE C 386 1.81 16.21 -34.67
N GLU C 387 1.46 15.28 -35.58
CA GLU C 387 1.92 13.88 -35.42
C GLU C 387 3.43 13.82 -35.43
N ASP C 388 4.08 14.67 -36.22
CA ASP C 388 5.56 14.69 -36.37
C ASP C 388 6.23 14.92 -35.01
N LEU C 389 5.52 15.58 -34.08
CA LEU C 389 6.06 15.90 -32.74
C LEU C 389 6.20 14.60 -31.93
N ASN C 390 5.72 13.48 -32.47
CA ASN C 390 5.96 12.16 -31.83
C ASN C 390 7.35 11.65 -32.27
N LYS C 391 8.34 11.79 -31.39
CA LYS C 391 9.72 11.32 -31.66
C LYS C 391 9.99 10.06 -30.81
N ARG C 392 8.94 9.28 -30.53
CA ARG C 392 9.05 8.10 -29.62
C ARG C 392 7.95 7.10 -29.97
N LYS C 393 7.59 7.01 -31.25
CA LYS C 393 6.52 6.09 -31.72
C LYS C 393 6.86 4.65 -31.31
N ASP C 394 8.16 4.34 -31.23
CA ASP C 394 8.62 2.98 -30.83
C ASP C 394 7.74 2.45 -29.69
N THR C 395 7.36 3.34 -28.76
CA THR C 395 6.68 2.92 -27.51
C THR C 395 5.22 3.37 -27.48
N LYS C 396 4.95 4.61 -27.86
CA LYS C 396 3.57 5.14 -27.75
C LYS C 396 2.99 5.42 -29.12
N GLU C 397 1.72 5.71 -29.16
CA GLU C 397 1.05 5.97 -30.45
C GLU C 397 0.16 7.20 -30.30
N ILE C 398 -0.17 7.84 -31.43
CA ILE C 398 -1.11 8.99 -31.39
C ILE C 398 -2.33 8.61 -32.19
N TYR C 399 -3.48 8.79 -31.63
CA TYR C 399 -4.74 8.54 -32.35
C TYR C 399 -5.38 9.91 -32.58
N THR C 400 -5.59 10.30 -33.82
CA THR C 400 -6.09 11.65 -34.13
C THR C 400 -7.55 11.60 -34.50
N HIS C 401 -8.25 12.66 -34.16
CA HIS C 401 -9.71 12.72 -34.45
C HIS C 401 -10.04 14.06 -35.09
N PHE C 402 -10.97 14.04 -36.02
CA PHE C 402 -11.34 15.27 -36.75
C PHE C 402 -12.84 15.40 -36.80
N THR C 403 -13.56 14.28 -36.76
CA THR C 403 -15.02 14.32 -37.01
C THR C 403 -15.68 15.33 -36.06
N CYS C 404 -16.68 16.02 -36.60
CA CYS C 404 -17.31 17.13 -35.86
C CYS C 404 -17.71 16.71 -34.45
N ALA C 405 -17.58 17.66 -33.54
CA ALA C 405 -17.99 17.44 -32.14
C ALA C 405 -19.49 17.24 -32.04
N THR C 406 -20.26 17.80 -32.95
CA THR C 406 -21.73 17.69 -32.83
C THR C 406 -22.12 16.22 -32.87
N ASP C 407 -21.48 15.44 -33.75
CA ASP C 407 -21.81 14.00 -33.74
C ASP C 407 -21.28 13.37 -32.46
N THR C 408 -22.06 12.51 -31.83
CA THR C 408 -21.65 11.92 -30.54
C THR C 408 -20.71 10.74 -30.77
N LYS C 409 -19.60 10.96 -31.46
CA LYS C 409 -18.65 9.87 -31.76
C LYS C 409 -17.36 10.13 -31.03
N ASN C 410 -17.32 11.25 -30.33
CA ASN C 410 -16.09 11.58 -29.57
C ASN C 410 -15.89 10.47 -28.54
N VAL C 411 -16.95 9.99 -27.92
CA VAL C 411 -16.73 8.94 -26.88
C VAL C 411 -16.37 7.61 -27.56
N GLN C 412 -17.03 7.30 -28.68
CA GLN C 412 -16.80 5.98 -29.30
C GLN C 412 -15.34 5.86 -29.72
N PHE C 413 -14.79 6.93 -30.27
CA PHE C 413 -13.38 6.90 -30.66
C PHE C 413 -12.52 6.74 -29.43
N VAL C 414 -12.87 7.37 -28.32
CA VAL C 414 -12.08 7.16 -27.08
C VAL C 414 -12.20 5.69 -26.65
N PHE C 415 -13.37 5.09 -26.84
CA PHE C 415 -13.53 3.70 -26.38
C PHE C 415 -12.65 2.77 -27.20
N ASP C 416 -12.58 3.01 -28.49
CA ASP C 416 -11.79 2.13 -29.35
C ASP C 416 -10.33 2.29 -29.00
N ALA C 417 -9.93 3.51 -28.80
CA ALA C 417 -8.50 3.73 -28.56
C ALA C 417 -8.10 3.10 -27.22
N VAL C 418 -8.93 3.22 -26.21
CA VAL C 418 -8.50 2.63 -24.91
C VAL C 418 -8.48 1.10 -25.06
N THR C 419 -9.42 0.54 -25.83
CA THR C 419 -9.44 -0.93 -26.00
C THR C 419 -8.13 -1.36 -26.65
N ASP C 420 -7.72 -0.63 -27.64
CA ASP C 420 -6.46 -0.96 -28.34
C ASP C 420 -5.31 -0.80 -27.37
N VAL C 421 -5.31 0.25 -26.57
CA VAL C 421 -4.16 0.49 -25.69
C VAL C 421 -4.08 -0.65 -24.68
N ILE C 422 -5.22 -1.08 -24.17
CA ILE C 422 -5.20 -2.14 -23.12
C ILE C 422 -4.74 -3.47 -23.73
N ILE C 423 -5.23 -3.81 -24.91
CA ILE C 423 -4.87 -5.12 -25.52
C ILE C 423 -3.36 -5.13 -25.74
N LYS C 424 -2.84 -4.05 -26.23
CA LYS C 424 -1.39 -3.99 -26.47
C LYS C 424 -0.64 -3.96 -25.15
N ASN C 425 -1.20 -3.36 -24.12
CA ASN C 425 -0.49 -3.41 -22.83
C ASN C 425 -0.41 -4.85 -22.34
N ASN C 426 -1.48 -5.60 -22.53
CA ASN C 426 -1.48 -6.99 -22.05
C ASN C 426 -0.41 -7.79 -22.80
N LEU C 427 -0.38 -7.66 -24.11
CA LEU C 427 0.55 -8.46 -24.90
C LEU C 427 1.97 -8.03 -24.57
N LYS C 428 2.21 -6.75 -24.39
CA LYS C 428 3.58 -6.26 -24.18
C LYS C 428 4.04 -6.68 -22.80
N ASP C 429 3.15 -7.34 -22.08
CA ASP C 429 3.47 -7.67 -20.67
C ASP C 429 3.93 -9.11 -20.58
N CYS C 430 3.41 -9.95 -21.46
CA CYS C 430 3.79 -11.38 -21.44
C CYS C 430 5.01 -11.57 -22.35
N GLY C 431 5.54 -10.51 -22.95
CA GLY C 431 6.73 -10.61 -23.83
C GLY C 431 6.34 -10.96 -25.25
N LEU C 432 5.09 -11.33 -25.51
CA LEU C 432 4.66 -11.74 -26.87
C LEU C 432 4.95 -10.59 -27.80
N PHE C 433 4.69 -9.36 -27.37
CA PHE C 433 5.00 -8.14 -28.16
C PHE C 433 6.50 -7.90 -28.10
N VAL D 2 -24.96 6.71 21.32
CA VAL D 2 -24.79 5.26 21.64
C VAL D 2 -26.03 4.76 22.38
N GLN D 3 -26.54 3.62 21.95
CA GLN D 3 -27.75 3.06 22.57
C GLN D 3 -27.78 1.57 22.31
N LEU D 4 -27.86 0.77 23.38
CA LEU D 4 -28.01 -0.68 23.30
C LEU D 4 -29.24 -1.06 24.12
N VAL D 5 -30.30 -1.51 23.44
CA VAL D 5 -31.56 -1.84 24.08
C VAL D 5 -31.81 -3.33 23.95
N GLU D 6 -31.97 -4.00 25.08
CA GLU D 6 -32.22 -5.44 25.12
C GLU D 6 -33.71 -5.73 25.20
N SER D 7 -34.06 -6.95 24.82
CA SER D 7 -35.45 -7.39 24.84
C SER D 7 -35.48 -8.91 24.81
N GLY D 8 -36.66 -9.47 25.04
CA GLY D 8 -36.86 -10.91 25.04
C GLY D 8 -36.94 -11.52 26.42
N GLY D 9 -36.87 -10.72 27.48
CA GLY D 9 -36.95 -11.26 28.82
C GLY D 9 -38.37 -11.58 29.23
N GLY D 10 -38.47 -12.31 30.34
CA GLY D 10 -39.77 -12.72 30.87
C GLY D 10 -39.60 -13.91 31.79
N LEU D 11 -40.71 -14.56 32.10
CA LEU D 11 -40.72 -15.74 32.95
C LEU D 11 -40.80 -16.98 32.07
N VAL D 12 -39.95 -17.96 32.35
CA VAL D 12 -39.84 -19.17 31.54
C VAL D 12 -39.71 -20.36 32.46
N GLN D 13 -40.48 -21.42 32.19
CA GLN D 13 -40.38 -22.64 32.96
C GLN D 13 -39.11 -23.40 32.60
N PRO D 14 -38.60 -24.23 33.51
CA PRO D 14 -37.40 -25.02 33.19
C PRO D 14 -37.65 -25.94 32.00
N GLY D 15 -36.59 -26.15 31.21
CA GLY D 15 -36.68 -26.97 30.03
C GLY D 15 -37.10 -26.24 28.77
N GLY D 16 -37.38 -24.95 28.85
CA GLY D 16 -37.73 -24.16 27.70
C GLY D 16 -36.52 -23.44 27.10
N SER D 17 -36.77 -22.76 25.98
CA SER D 17 -35.74 -22.03 25.27
C SER D 17 -36.29 -20.67 24.85
N ARG D 18 -35.40 -19.68 24.80
CA ARG D 18 -35.77 -18.33 24.42
C ARG D 18 -34.61 -17.69 23.67
N LYS D 19 -34.81 -16.45 23.22
CA LYS D 19 -33.79 -15.71 22.48
C LYS D 19 -33.80 -14.26 22.95
N LEU D 20 -32.78 -13.88 23.72
CA LEU D 20 -32.58 -12.48 24.07
C LEU D 20 -32.04 -11.74 22.86
N SER D 21 -32.58 -10.54 22.62
CA SER D 21 -32.19 -9.71 21.50
C SER D 21 -31.60 -8.40 22.01
N CYS D 22 -30.62 -7.87 21.31
CA CYS D 22 -30.01 -6.58 21.71
C CYS D 22 -30.15 -5.67 20.52
N SER D 23 -31.25 -4.92 20.43
CA SER D 23 -31.52 -4.01 19.30
C SER D 23 -30.69 -2.75 19.49
N ALA D 24 -29.41 -2.79 19.10
CA ALA D 24 -28.48 -1.66 19.28
C ALA D 24 -28.92 -0.49 18.39
N SER D 25 -28.43 0.71 18.67
CA SER D 25 -28.78 1.93 17.93
C SER D 25 -27.72 2.98 18.19
N GLY D 26 -27.56 3.97 17.32
CA GLY D 26 -26.69 5.13 17.58
C GLY D 26 -25.18 4.88 17.57
N PHE D 27 -24.69 3.75 17.06
CA PHE D 27 -23.23 3.51 16.91
C PHE D 27 -22.97 2.39 15.89
N ALA D 28 -21.71 2.15 15.54
CA ALA D 28 -21.32 1.12 14.54
C ALA D 28 -21.27 -0.25 15.23
N PHE D 29 -22.42 -0.83 15.52
CA PHE D 29 -22.53 -2.16 16.17
C PHE D 29 -21.89 -3.19 15.25
N SER D 30 -21.92 -2.98 13.93
CA SER D 30 -21.41 -3.95 12.93
C SER D 30 -19.93 -4.26 13.17
N SER D 31 -19.11 -3.26 13.54
CA SER D 31 -17.65 -3.43 13.74
C SER D 31 -17.34 -3.59 15.23
N PHE D 32 -18.35 -3.81 16.07
CA PHE D 32 -18.17 -3.88 17.55
C PHE D 32 -18.30 -5.33 18.05
N GLY D 33 -17.38 -5.78 18.93
CA GLY D 33 -17.40 -7.12 19.55
C GLY D 33 -18.39 -7.11 20.68
N MET D 34 -19.57 -7.69 20.51
CA MET D 34 -20.65 -7.60 21.52
C MET D 34 -20.51 -8.73 22.55
N HIS D 35 -20.55 -8.40 23.84
CA HIS D 35 -20.51 -9.39 24.94
C HIS D 35 -21.89 -9.58 25.54
N TRP D 36 -22.10 -10.67 26.25
CA TRP D 36 -23.32 -10.91 26.99
C TRP D 36 -22.93 -11.19 28.43
N VAL D 37 -23.48 -10.41 29.37
CA VAL D 37 -23.20 -10.52 30.79
C VAL D 37 -24.53 -10.75 31.49
N ARG D 38 -24.47 -11.18 32.75
CA ARG D 38 -25.68 -11.36 33.51
C ARG D 38 -25.42 -11.03 34.98
N GLN D 39 -26.49 -10.66 35.68
CA GLN D 39 -26.46 -10.37 37.10
C GLN D 39 -27.64 -11.07 37.76
N ALA D 40 -27.34 -12.01 38.65
CA ALA D 40 -28.40 -12.69 39.38
C ALA D 40 -28.95 -11.78 40.48
N PRO D 41 -30.20 -12.03 40.92
CA PRO D 41 -30.79 -11.16 41.93
C PRO D 41 -29.89 -10.94 43.13
N GLU D 42 -29.43 -9.69 43.31
CA GLU D 42 -28.59 -9.30 44.45
C GLU D 42 -27.52 -10.34 44.76
N LYS D 43 -26.84 -10.82 43.72
CA LYS D 43 -25.72 -11.73 43.89
C LYS D 43 -24.47 -11.32 43.12
N GLY D 44 -24.62 -10.62 42.00
CA GLY D 44 -23.47 -10.08 41.30
C GLY D 44 -23.44 -10.35 39.81
N LEU D 45 -22.50 -9.73 39.11
CA LEU D 45 -22.37 -9.88 37.67
C LEU D 45 -21.66 -11.18 37.32
N GLU D 46 -22.09 -11.78 36.21
CA GLU D 46 -21.50 -13.02 35.72
C GLU D 46 -21.46 -12.99 34.20
N TRP D 47 -20.27 -13.13 33.63
CA TRP D 47 -20.12 -13.12 32.18
C TRP D 47 -20.85 -14.32 31.58
N VAL D 48 -21.45 -14.13 30.40
CA VAL D 48 -22.21 -15.16 29.72
C VAL D 48 -21.54 -15.60 28.43
N ALA D 49 -21.11 -14.67 27.60
CA ALA D 49 -20.56 -15.04 26.31
C ALA D 49 -19.93 -13.83 25.62
N TYR D 50 -19.29 -14.09 24.48
CA TYR D 50 -18.62 -13.06 23.70
C TYR D 50 -18.57 -13.46 22.24
N ILE D 51 -18.75 -12.47 21.35
CA ILE D 51 -18.58 -12.66 19.92
C ILE D 51 -17.79 -11.48 19.37
N SER D 52 -16.72 -11.76 18.65
CA SER D 52 -15.82 -10.72 18.19
C SER D 52 -16.33 -10.07 16.90
N SER D 53 -15.66 -9.00 16.50
CA SER D 53 -16.02 -8.30 15.27
C SER D 53 -15.70 -9.18 14.06
N GLY D 54 -16.73 -9.55 13.31
CA GLY D 54 -16.58 -10.45 12.18
C GLY D 54 -16.98 -11.88 12.46
N SER D 55 -17.45 -12.18 13.68
CA SER D 55 -17.89 -13.51 14.06
C SER D 55 -16.77 -14.54 13.98
N GLY D 56 -15.52 -14.08 13.92
CA GLY D 56 -14.40 -15.01 13.81
C GLY D 56 -14.02 -15.70 15.10
N THR D 57 -14.50 -15.19 16.24
CA THR D 57 -14.18 -15.75 17.55
C THR D 57 -15.44 -15.66 18.42
N ILE D 58 -15.95 -16.83 18.83
CA ILE D 58 -17.12 -16.90 19.72
C ILE D 58 -16.70 -17.69 20.95
N TYR D 59 -16.87 -17.08 22.12
CA TYR D 59 -16.51 -17.67 23.39
C TYR D 59 -17.74 -17.78 24.27
N TYR D 60 -17.80 -18.85 25.06
CA TYR D 60 -18.91 -19.11 25.96
C TYR D 60 -18.39 -19.35 27.37
N ALA D 61 -19.21 -19.03 28.38
CA ALA D 61 -18.86 -19.29 29.79
C ALA D 61 -19.02 -20.78 30.05
N ASP D 62 -18.34 -21.34 31.05
CA ASP D 62 -18.39 -22.80 31.34
C ASP D 62 -19.85 -23.17 31.64
N THR D 63 -20.59 -22.30 32.32
CA THR D 63 -22.02 -22.53 32.67
C THR D 63 -22.84 -22.67 31.38
N VAL D 64 -22.55 -21.86 30.36
CA VAL D 64 -23.32 -21.85 29.08
C VAL D 64 -22.49 -22.47 27.96
N LYS D 65 -21.44 -23.23 28.29
CA LYS D 65 -20.57 -23.88 27.27
C LYS D 65 -21.24 -25.18 26.85
N GLY D 66 -21.66 -25.28 25.57
CA GLY D 66 -22.40 -26.44 25.06
C GLY D 66 -23.90 -26.24 25.22
N ARG D 67 -24.30 -25.17 25.91
CA ARG D 67 -25.73 -24.86 26.14
C ARG D 67 -25.93 -23.35 26.13
N PHE D 68 -26.56 -22.83 25.06
CA PHE D 68 -26.74 -21.38 24.71
C PHE D 68 -25.80 -21.01 23.57
N THR D 69 -26.18 -20.01 22.77
CA THR D 69 -25.36 -19.59 21.59
C THR D 69 -25.46 -18.08 21.38
N ILE D 70 -24.47 -17.49 20.71
CA ILE D 70 -24.41 -16.05 20.50
C ILE D 70 -24.24 -15.78 19.01
N SER D 71 -25.13 -14.96 18.45
CA SER D 71 -25.19 -14.73 17.02
C SER D 71 -25.13 -13.24 16.71
N ARG D 72 -24.42 -12.89 15.64
CA ARG D 72 -24.25 -11.52 15.19
C ARG D 72 -25.11 -11.26 13.96
N ASP D 73 -25.57 -10.00 13.82
CA ASP D 73 -26.19 -9.54 12.57
C ASP D 73 -25.68 -8.11 12.34
N ASP D 74 -24.55 -8.01 11.64
CA ASP D 74 -23.96 -6.69 11.37
C ASP D 74 -24.85 -5.82 10.49
N PRO D 75 -25.38 -6.30 9.36
CA PRO D 75 -26.22 -5.43 8.52
C PRO D 75 -27.43 -4.89 9.25
N LYS D 76 -28.02 -5.64 10.17
CA LYS D 76 -29.16 -5.17 10.95
C LYS D 76 -28.76 -4.61 12.31
N ASN D 77 -27.47 -4.57 12.63
CA ASN D 77 -26.97 -3.99 13.87
C ASN D 77 -27.66 -4.62 15.08
N THR D 78 -27.72 -5.95 15.14
CA THR D 78 -28.47 -6.65 16.23
C THR D 78 -27.72 -7.88 16.76
N LEU D 79 -27.37 -7.88 18.04
CA LEU D 79 -26.74 -9.06 18.70
C LEU D 79 -27.87 -10.01 19.09
N PHE D 80 -27.58 -11.28 19.35
CA PHE D 80 -28.59 -12.28 19.75
C PHE D 80 -27.99 -13.27 20.74
N LEU D 81 -28.78 -13.81 21.67
CA LEU D 81 -28.33 -14.87 22.58
C LEU D 81 -29.48 -15.85 22.70
N GLN D 82 -29.36 -16.99 22.02
CA GLN D 82 -30.38 -18.03 22.02
C GLN D 82 -30.03 -19.02 23.13
N MET D 83 -30.90 -19.11 24.13
CA MET D 83 -30.69 -20.00 25.26
C MET D 83 -31.60 -21.21 25.12
N THR D 84 -31.00 -22.41 25.17
CA THR D 84 -31.70 -23.65 24.86
C THR D 84 -32.34 -24.30 26.07
N SER D 85 -31.55 -24.65 27.08
CA SER D 85 -32.05 -25.25 28.32
C SER D 85 -31.79 -24.29 29.46
N LEU D 86 -32.84 -24.01 30.24
CA LEU D 86 -32.79 -22.98 31.27
C LEU D 86 -33.08 -23.62 32.62
N ARG D 87 -32.05 -23.73 33.47
CA ARG D 87 -32.20 -24.25 34.81
C ARG D 87 -32.67 -23.12 35.73
N SER D 88 -32.86 -23.43 37.01
CA SER D 88 -33.24 -22.41 37.98
C SER D 88 -32.12 -21.42 38.27
N GLU D 89 -30.90 -21.71 37.83
CA GLU D 89 -29.77 -20.82 38.03
C GLU D 89 -29.62 -19.81 36.90
N ASP D 90 -30.47 -19.90 35.88
CA ASP D 90 -30.47 -18.96 34.72
C ASP D 90 -31.45 -17.81 35.00
N THR D 91 -31.82 -17.57 36.25
CA THR D 91 -32.70 -16.43 36.63
C THR D 91 -31.78 -15.24 36.91
N ALA D 92 -31.77 -14.21 36.04
CA ALA D 92 -30.87 -13.04 36.17
C ALA D 92 -31.18 -11.98 35.11
N MET D 93 -30.76 -10.73 35.33
CA MET D 93 -30.93 -9.65 34.37
C MET D 93 -29.69 -9.63 33.48
N TYR D 94 -29.90 -9.76 32.18
CA TYR D 94 -28.83 -9.95 31.21
C TYR D 94 -28.53 -8.64 30.50
N TYR D 95 -27.24 -8.35 30.37
CA TYR D 95 -26.74 -7.11 29.80
C TYR D 95 -26.05 -7.36 28.48
N CYS D 96 -26.25 -6.44 27.55
CA CYS D 96 -25.60 -6.42 26.25
C CYS D 96 -24.54 -5.32 26.27
N VAL D 97 -23.29 -5.68 25.94
CA VAL D 97 -22.17 -4.76 26.08
C VAL D 97 -21.37 -4.74 24.79
N ARG D 98 -20.86 -3.57 24.44
CA ARG D 98 -20.02 -3.39 23.27
C ARG D 98 -18.55 -3.31 23.70
N SER D 99 -17.66 -3.77 22.84
CA SER D 99 -16.25 -3.88 23.17
C SER D 99 -15.42 -3.88 21.89
N ILE D 100 -14.56 -2.89 21.74
CA ILE D 100 -13.69 -2.76 20.57
C ILE D 100 -12.25 -2.88 21.03
N TYR D 101 -11.45 -3.64 20.30
CA TYR D 101 -10.07 -3.96 20.69
C TYR D 101 -9.10 -3.45 19.64
N TYR D 102 -8.36 -2.41 20.00
CA TYR D 102 -7.19 -1.97 19.25
C TYR D 102 -6.33 -1.18 20.22
N TYR D 103 -5.10 -0.92 19.83
CA TYR D 103 -4.17 -0.24 20.74
C TYR D 103 -4.79 1.04 21.27
N GLY D 104 -4.98 1.10 22.59
CA GLY D 104 -5.50 2.27 23.25
C GLY D 104 -7.01 2.33 23.40
N SER D 105 -7.74 1.36 22.87
CA SER D 105 -9.20 1.42 22.91
C SER D 105 -9.73 1.06 24.30
N SER D 106 -10.98 1.46 24.54
CA SER D 106 -11.69 1.10 25.76
C SER D 106 -12.66 -0.02 25.44
N PRO D 107 -12.45 -1.24 25.92
CA PRO D 107 -13.27 -2.38 25.47
C PRO D 107 -14.56 -2.61 26.25
N PHE D 108 -14.94 -1.76 27.19
CA PHE D 108 -16.25 -1.88 27.83
C PHE D 108 -16.84 -0.49 28.09
N ASP D 109 -16.77 0.39 27.09
CA ASP D 109 -17.20 1.77 27.30
C ASP D 109 -18.69 1.84 27.65
N PHE D 110 -19.52 1.08 26.95
CA PHE D 110 -20.97 1.24 27.02
C PHE D 110 -21.64 -0.09 27.38
N TRP D 111 -22.50 -0.06 28.39
CA TRP D 111 -23.37 -1.16 28.75
C TRP D 111 -24.80 -0.82 28.38
N GLY D 112 -25.59 -1.86 28.12
CA GLY D 112 -27.02 -1.70 27.87
C GLY D 112 -27.79 -1.56 29.16
N GLN D 113 -29.12 -1.43 29.01
CA GLN D 113 -29.99 -1.30 30.17
C GLN D 113 -30.42 -2.64 30.75
N GLY D 114 -30.21 -3.74 30.03
CA GLY D 114 -30.49 -5.06 30.52
C GLY D 114 -31.92 -5.50 30.30
N THR D 115 -32.14 -6.82 30.44
CA THR D 115 -33.46 -7.41 30.33
C THR D 115 -33.56 -8.56 31.31
N THR D 116 -34.70 -8.70 31.98
CA THR D 116 -34.86 -9.65 33.07
C THR D 116 -35.38 -10.98 32.56
N LEU D 117 -34.83 -12.07 33.11
CA LEU D 117 -35.32 -13.42 32.85
C LEU D 117 -35.48 -14.15 34.16
N THR D 118 -36.65 -14.72 34.39
CA THR D 118 -36.97 -15.47 35.59
C THR D 118 -37.22 -16.93 35.23
N VAL D 119 -36.72 -17.82 36.07
CA VAL D 119 -36.89 -19.26 35.88
C VAL D 119 -37.47 -19.82 37.18
N SER D 120 -38.51 -20.66 37.06
CA SER D 120 -39.12 -21.25 38.22
C SER D 120 -38.17 -22.23 38.90
N SER D 121 -38.55 -22.66 40.10
CA SER D 121 -37.73 -23.59 40.87
C SER D 121 -38.11 -25.04 40.53
N SER D 136 -8.22 -23.19 37.51
CA SER D 136 -8.38 -22.85 36.10
C SER D 136 -8.83 -21.41 35.93
N ASP D 137 -10.13 -21.17 36.04
CA ASP D 137 -10.66 -19.83 35.92
C ASP D 137 -10.13 -18.94 37.04
N ILE D 138 -9.77 -17.71 36.70
CA ILE D 138 -9.24 -16.79 37.68
C ILE D 138 -10.35 -16.39 38.65
N VAL D 139 -10.04 -16.42 39.94
CA VAL D 139 -10.99 -16.05 40.99
C VAL D 139 -10.56 -14.70 41.55
N MET D 140 -11.50 -13.77 41.65
CA MET D 140 -11.26 -12.45 42.19
C MET D 140 -12.22 -12.21 43.36
N THR D 141 -11.69 -11.70 44.46
CA THR D 141 -12.44 -11.52 45.68
C THR D 141 -12.47 -10.05 46.06
N GLN D 142 -13.65 -9.57 46.47
CA GLN D 142 -13.82 -8.23 46.98
C GLN D 142 -13.82 -8.29 48.50
N ALA D 143 -12.87 -7.56 49.13
CA ALA D 143 -12.64 -7.71 50.55
C ALA D 143 -13.90 -7.44 51.37
N THR D 144 -14.75 -6.53 50.92
CA THR D 144 -15.94 -6.13 51.66
C THR D 144 -17.14 -6.11 50.73
N SER D 145 -18.31 -5.84 51.30
CA SER D 145 -19.54 -5.71 50.53
C SER D 145 -20.37 -4.49 50.91
N SER D 146 -20.01 -3.75 51.95
CA SER D 146 -20.74 -2.56 52.34
C SER D 146 -19.82 -1.68 53.16
N VAL D 147 -19.80 -0.38 52.85
CA VAL D 147 -18.92 0.57 53.53
C VAL D 147 -19.66 1.88 53.74
N PRO D 148 -20.01 2.25 54.97
CA PRO D 148 -20.62 3.57 55.18
C PRO D 148 -19.66 4.70 54.86
N VAL D 149 -20.20 5.81 54.36
CA VAL D 149 -19.41 7.01 54.08
C VAL D 149 -20.37 8.17 53.89
N THR D 150 -19.86 9.38 54.09
CA THR D 150 -20.61 10.61 53.88
C THR D 150 -20.01 11.40 52.72
N PRO D 151 -20.80 12.25 52.06
CA PRO D 151 -20.27 13.04 50.95
C PRO D 151 -19.07 13.88 51.39
N GLY D 152 -18.09 14.00 50.49
CA GLY D 152 -16.89 14.75 50.76
C GLY D 152 -15.76 13.95 51.38
N GLU D 153 -16.01 12.71 51.77
CA GLU D 153 -14.99 11.85 52.36
C GLU D 153 -14.51 10.85 51.31
N SER D 154 -13.20 10.83 51.07
CA SER D 154 -12.64 9.96 50.06
C SER D 154 -12.83 8.50 50.43
N VAL D 155 -13.05 7.66 49.41
CA VAL D 155 -13.28 6.24 49.58
C VAL D 155 -12.23 5.46 48.80
N SER D 156 -11.98 4.24 49.24
CA SER D 156 -11.00 3.34 48.60
C SER D 156 -11.58 1.94 48.56
N ILE D 157 -12.09 1.54 47.41
CA ILE D 157 -12.51 0.17 47.18
C ILE D 157 -11.29 -0.65 46.77
N SER D 158 -11.35 -1.96 46.99
CA SER D 158 -10.22 -2.81 46.62
C SER D 158 -10.71 -4.21 46.32
N CYS D 159 -9.92 -4.94 45.54
CA CYS D 159 -10.18 -6.35 45.30
C CYS D 159 -8.88 -7.05 44.93
N ARG D 160 -8.86 -8.37 45.14
CA ARG D 160 -7.71 -9.21 44.91
C ARG D 160 -8.00 -10.21 43.80
N SER D 161 -6.94 -10.66 43.14
CA SER D 161 -7.04 -11.62 42.04
C SER D 161 -6.11 -12.79 42.30
N SER D 162 -6.36 -13.90 41.60
CA SER D 162 -5.57 -15.11 41.79
C SER D 162 -4.21 -14.99 41.10
N LYS D 163 -4.21 -14.83 39.78
CA LYS D 163 -2.98 -14.70 39.02
C LYS D 163 -2.59 -13.24 38.89
N SER D 164 -1.50 -12.99 38.17
CA SER D 164 -1.06 -11.64 37.84
C SER D 164 -1.72 -11.24 36.53
N LEU D 165 -2.64 -10.28 36.60
CA LEU D 165 -3.28 -9.78 35.39
C LEU D 165 -2.30 -9.03 34.50
N LEU D 166 -1.14 -8.64 35.03
CA LEU D 166 -0.10 -7.99 34.25
C LEU D 166 0.45 -8.94 33.20
N HIS D 167 0.15 -8.69 31.93
CA HIS D 167 0.62 -9.52 30.84
C HIS D 167 1.97 -9.01 30.34
N SER D 168 2.57 -9.76 29.41
CA SER D 168 3.83 -9.35 28.81
C SER D 168 3.71 -8.03 28.06
N ASN D 169 2.49 -7.66 27.64
CA ASN D 169 2.29 -6.37 26.98
C ASN D 169 2.55 -5.19 27.91
N GLY D 170 2.59 -5.43 29.21
CA GLY D 170 2.59 -4.36 30.19
C GLY D 170 1.21 -3.89 30.59
N ASN D 171 0.16 -4.48 30.02
CA ASN D 171 -1.21 -4.13 30.34
C ASN D 171 -1.71 -5.03 31.46
N THR D 172 -2.20 -4.40 32.54
CA THR D 172 -2.85 -5.14 33.63
C THR D 172 -4.34 -5.12 33.33
N TYR D 173 -4.83 -6.20 32.75
CA TYR D 173 -6.21 -6.24 32.25
C TYR D 173 -7.21 -6.39 33.39
N LEU D 174 -7.27 -5.40 34.26
CA LEU D 174 -8.31 -5.32 35.29
C LEU D 174 -9.17 -4.10 35.02
N TYR D 175 -10.48 -4.27 35.12
CA TYR D 175 -11.45 -3.25 34.78
C TYR D 175 -12.11 -2.76 36.06
N TRP D 176 -12.90 -1.69 35.93
CA TRP D 176 -13.60 -1.15 37.09
C TRP D 176 -14.91 -0.53 36.59
N PHE D 177 -16.03 -1.15 36.97
CA PHE D 177 -17.37 -0.65 36.69
C PHE D 177 -18.05 -0.22 37.98
N LEU D 178 -19.03 0.69 37.84
CA LEU D 178 -19.87 1.08 38.95
C LEU D 178 -21.32 0.96 38.52
N GLN D 179 -22.11 0.22 39.30
CA GLN D 179 -23.53 0.04 39.06
C GLN D 179 -24.30 0.86 40.10
N ARG D 180 -24.97 1.92 39.63
CA ARG D 180 -25.75 2.77 40.50
C ARG D 180 -27.12 2.15 40.77
N PRO D 181 -27.75 2.50 41.89
CA PRO D 181 -29.06 1.92 42.20
C PRO D 181 -30.06 2.04 41.06
N GLY D 182 -30.58 0.91 40.60
CA GLY D 182 -31.66 0.93 39.63
C GLY D 182 -31.26 1.25 38.20
N GLN D 183 -29.98 1.15 37.87
CA GLN D 183 -29.53 1.40 36.51
C GLN D 183 -28.34 0.50 36.20
N SER D 184 -28.08 0.34 34.90
CA SER D 184 -27.11 -0.64 34.45
C SER D 184 -25.69 -0.19 34.80
N PRO D 185 -24.73 -1.12 34.81
CA PRO D 185 -23.36 -0.76 35.19
C PRO D 185 -22.76 0.25 34.23
N GLN D 186 -21.78 1.00 34.75
CA GLN D 186 -21.09 2.02 33.98
C GLN D 186 -19.59 1.82 34.14
N LEU D 187 -18.82 1.93 33.05
CA LEU D 187 -17.35 1.70 33.10
C LEU D 187 -16.63 2.91 33.70
N LEU D 188 -15.86 2.72 34.77
CA LEU D 188 -15.05 3.79 35.41
C LEU D 188 -13.62 3.74 34.87
N ILE D 189 -12.98 2.56 34.87
CA ILE D 189 -11.58 2.36 34.38
C ILE D 189 -11.57 1.20 33.39
N TYR D 190 -10.61 1.16 32.46
CA TYR D 190 -10.51 0.07 31.49
C TYR D 190 -9.15 -0.62 31.42
N ARG D 191 -8.06 -0.03 31.92
CA ARG D 191 -6.96 -0.90 32.31
C ARG D 191 -6.45 -0.64 33.73
N MET D 192 -5.90 0.56 33.97
CA MET D 192 -5.35 0.92 35.28
C MET D 192 -5.32 2.44 35.34
N SER D 193 -6.27 3.03 36.07
CA SER D 193 -6.41 4.48 36.20
C SER D 193 -6.83 5.14 34.90
N ASN D 194 -6.96 4.39 33.81
CA ASN D 194 -7.31 4.98 32.51
C ASN D 194 -8.80 5.30 32.51
N LEU D 195 -9.11 6.51 32.95
CA LEU D 195 -10.50 6.93 33.08
C LEU D 195 -11.22 6.87 31.74
N ALA D 196 -12.47 6.43 31.76
CA ALA D 196 -13.26 6.31 30.55
C ALA D 196 -13.69 7.69 30.07
N SER D 197 -14.48 7.71 29.00
CA SER D 197 -14.97 8.95 28.40
C SER D 197 -16.28 9.34 29.09
N GLY D 198 -16.32 10.54 29.65
CA GLY D 198 -17.51 11.05 30.31
C GLY D 198 -17.52 10.86 31.82
N VAL D 199 -16.48 10.26 32.40
CA VAL D 199 -16.44 9.99 33.84
C VAL D 199 -15.72 11.16 34.51
N PRO D 200 -16.19 11.62 35.68
CA PRO D 200 -15.46 12.70 36.37
C PRO D 200 -14.05 12.28 36.75
N ASP D 201 -13.15 13.26 36.77
CA ASP D 201 -11.74 12.99 36.99
C ASP D 201 -11.44 12.52 38.41
N ARG D 202 -12.39 12.62 39.33
CA ARG D 202 -12.11 12.22 40.72
C ARG D 202 -11.80 10.74 40.81
N PHE D 203 -12.54 9.90 40.08
CA PHE D 203 -12.29 8.46 40.11
C PHE D 203 -10.88 8.16 39.60
N SER D 204 -10.18 7.29 40.32
CA SER D 204 -8.85 6.85 39.90
C SER D 204 -8.69 5.38 40.25
N GLY D 205 -7.78 4.71 39.53
CA GLY D 205 -7.49 3.32 39.79
C GLY D 205 -6.00 3.11 39.95
N SER D 206 -5.65 1.97 40.55
CA SER D 206 -4.25 1.59 40.72
C SER D 206 -4.21 0.15 41.22
N GLY D 207 -3.01 -0.37 41.40
CA GLY D 207 -2.81 -1.71 41.89
C GLY D 207 -1.52 -2.28 41.34
N SER D 208 -1.25 -3.54 41.70
CA SER D 208 -0.03 -4.19 41.24
C SER D 208 -0.23 -5.71 41.31
N GLY D 209 -0.37 -6.33 40.14
CA GLY D 209 -0.36 -7.77 40.04
C GLY D 209 -1.61 -8.45 40.52
N THR D 210 -1.85 -8.43 41.82
CA THR D 210 -2.98 -9.13 42.43
C THR D 210 -3.86 -8.21 43.26
N ALA D 211 -3.29 -7.27 43.99
CA ALA D 211 -4.05 -6.34 44.81
C ALA D 211 -4.32 -5.07 44.01
N PHE D 212 -5.59 -4.68 43.91
CA PHE D 212 -5.99 -3.55 43.09
C PHE D 212 -6.97 -2.69 43.86
N THR D 213 -6.90 -1.37 43.64
CA THR D 213 -7.68 -0.41 44.40
C THR D 213 -8.26 0.66 43.48
N LEU D 214 -9.43 1.15 43.86
CA LEU D 214 -10.13 2.24 43.19
C LEU D 214 -10.36 3.35 44.21
N THR D 215 -9.85 4.54 43.93
CA THR D 215 -9.91 5.67 44.86
C THR D 215 -10.88 6.72 44.33
N ILE D 216 -11.68 7.28 45.23
CA ILE D 216 -12.64 8.32 44.90
C ILE D 216 -12.39 9.49 45.86
N SER D 217 -12.03 10.63 45.30
CA SER D 217 -11.88 11.85 46.08
C SER D 217 -13.09 12.75 45.90
N ARG D 218 -13.54 13.35 46.99
CA ARG D 218 -14.71 14.23 46.98
C ARG D 218 -15.95 13.47 46.47
N LEU D 219 -16.32 12.46 47.24
CA LEU D 219 -17.46 11.62 46.88
C LEU D 219 -18.73 12.47 46.82
N GLU D 220 -19.58 12.16 45.86
CA GLU D 220 -20.83 12.89 45.62
C GLU D 220 -22.01 11.92 45.74
N ALA D 221 -23.22 12.49 45.65
CA ALA D 221 -24.43 11.70 45.87
C ALA D 221 -24.67 10.69 44.76
N GLU D 222 -24.11 10.91 43.58
CA GLU D 222 -24.29 9.99 42.46
C GLU D 222 -23.27 8.86 42.45
N ASP D 223 -22.36 8.82 43.42
CA ASP D 223 -21.33 7.79 43.48
C ASP D 223 -21.73 6.59 44.33
N VAL D 224 -22.96 6.55 44.82
CA VAL D 224 -23.42 5.42 45.63
C VAL D 224 -23.86 4.28 44.71
N GLY D 225 -23.50 3.07 45.09
CA GLY D 225 -23.83 1.89 44.32
C GLY D 225 -22.84 0.79 44.61
N VAL D 226 -22.75 -0.16 43.67
CA VAL D 226 -21.88 -1.32 43.80
C VAL D 226 -20.71 -1.19 42.83
N TYR D 227 -19.49 -1.34 43.35
CA TYR D 227 -18.29 -1.32 42.54
C TYR D 227 -17.88 -2.75 42.20
N TYR D 228 -17.59 -2.96 40.91
CA TYR D 228 -17.27 -4.28 40.38
C TYR D 228 -15.92 -4.22 39.69
N CYS D 229 -15.06 -5.20 39.98
CA CYS D 229 -13.79 -5.36 39.29
C CYS D 229 -13.82 -6.66 38.51
N MET D 230 -13.57 -6.58 37.21
CA MET D 230 -13.53 -7.72 36.31
C MET D 230 -12.13 -7.84 35.73
N GLN D 231 -11.82 -9.00 35.16
CA GLN D 231 -10.55 -9.22 34.49
C GLN D 231 -10.80 -9.68 33.06
N HIS D 232 -9.87 -9.32 32.18
CA HIS D 232 -9.96 -9.65 30.76
C HIS D 232 -8.72 -10.38 30.26
N LEU D 233 -7.80 -10.75 31.16
CA LEU D 233 -6.57 -11.40 30.73
C LEU D 233 -6.85 -12.71 30.03
N GLU D 234 -7.74 -13.53 30.58
CA GLU D 234 -8.06 -14.83 30.01
C GLU D 234 -9.56 -15.05 30.13
N TYR D 235 -10.09 -15.86 29.21
CA TYR D 235 -11.49 -16.24 29.34
C TYR D 235 -11.60 -17.53 30.14
N PRO D 236 -12.73 -17.77 30.84
CA PRO D 236 -13.91 -16.90 30.88
C PRO D 236 -13.70 -15.65 31.73
N LEU D 237 -14.39 -14.57 31.38
CA LEU D 237 -14.30 -13.34 32.16
C LEU D 237 -15.01 -13.50 33.50
N THR D 238 -14.35 -13.10 34.58
CA THR D 238 -14.84 -13.29 35.93
C THR D 238 -14.99 -11.94 36.61
N PHE D 239 -16.18 -11.64 37.09
CA PHE D 239 -16.43 -10.45 37.88
C PHE D 239 -16.18 -10.73 39.36
N GLY D 240 -16.34 -9.68 40.18
CA GLY D 240 -16.29 -9.81 41.62
C GLY D 240 -17.69 -9.87 42.22
N ALA D 241 -17.72 -10.04 43.55
CA ALA D 241 -19.00 -10.09 44.25
C ALA D 241 -19.73 -8.76 44.14
N GLY D 242 -19.01 -7.65 44.33
CA GLY D 242 -19.61 -6.33 44.29
C GLY D 242 -19.55 -5.63 45.63
N THR D 243 -18.78 -4.55 45.71
CA THR D 243 -18.59 -3.82 46.96
C THR D 243 -19.57 -2.65 47.00
N LYS D 244 -20.49 -2.67 47.94
CA LYS D 244 -21.54 -1.66 48.04
C LYS D 244 -21.05 -0.46 48.85
N LEU D 245 -21.52 0.73 48.49
CA LEU D 245 -21.24 1.94 49.24
C LEU D 245 -22.54 2.45 49.87
N GLU D 246 -22.50 2.69 51.18
CA GLU D 246 -23.63 3.17 51.93
C GLU D 246 -23.47 4.66 52.24
N LEU D 247 -24.58 5.30 52.60
CA LEU D 247 -24.56 6.72 52.92
C LEU D 247 -25.61 7.04 53.98
N ILE E 9 2.09 52.58 -8.54
CA ILE E 9 3.43 52.86 -7.93
C ILE E 9 3.58 52.03 -6.65
N ALA E 10 2.46 51.74 -6.00
CA ALA E 10 2.50 50.96 -4.76
C ALA E 10 2.78 49.49 -5.00
N GLN E 11 2.57 49.00 -6.23
CA GLN E 11 2.76 47.58 -6.52
C GLN E 11 4.18 47.15 -6.20
N ALA E 12 5.17 47.95 -6.65
CA ALA E 12 6.56 47.68 -6.29
C ALA E 12 6.93 48.28 -4.95
N ARG E 13 6.16 49.25 -4.45
CA ARG E 13 6.45 49.82 -3.14
C ARG E 13 6.29 48.75 -2.06
N LYS E 14 5.25 47.93 -2.15
CA LYS E 14 5.09 46.87 -1.16
C LYS E 14 6.20 45.83 -1.29
N LEU E 15 6.65 45.54 -2.51
CA LEU E 15 7.74 44.59 -2.68
C LEU E 15 9.02 45.11 -2.03
N VAL E 16 9.35 46.39 -2.26
CA VAL E 16 10.55 46.95 -1.64
C VAL E 16 10.38 47.02 -0.13
N GLU E 17 9.17 47.27 0.36
CA GLU E 17 8.93 47.25 1.80
C GLU E 17 9.19 45.85 2.37
N GLN E 18 8.76 44.81 1.64
CA GLN E 18 9.06 43.45 2.07
C GLN E 18 10.56 43.19 2.09
N LEU E 19 11.27 43.68 1.08
CA LEU E 19 12.73 43.54 1.08
C LEU E 19 13.34 44.25 2.29
N LYS E 20 12.86 45.45 2.60
CA LYS E 20 13.37 46.18 3.76
C LYS E 20 13.09 45.43 5.05
N MET E 21 11.90 44.84 5.17
CA MET E 21 11.60 44.03 6.34
C MET E 21 12.56 42.85 6.45
N GLU E 22 12.83 42.20 5.31
CA GLU E 22 13.83 41.13 5.30
C GLU E 22 15.22 41.64 5.64
N ALA E 23 15.48 42.95 5.45
CA ALA E 23 16.80 43.49 5.69
C ALA E 23 17.08 43.67 7.19
N ASN E 24 16.19 44.36 7.89
CA ASN E 24 16.39 44.68 9.30
C ASN E 24 16.15 43.41 10.13
N ILE E 25 17.20 42.61 10.25
CA ILE E 25 17.16 41.35 10.98
C ILE E 25 18.38 41.27 11.88
N ASP E 26 18.21 40.69 13.06
CA ASP E 26 19.33 40.45 13.98
C ASP E 26 20.15 39.29 13.43
N ARG E 27 21.06 39.62 12.52
CA ARG E 27 21.82 38.61 11.80
C ARG E 27 22.84 37.96 12.73
N ILE E 28 22.78 36.64 12.82
CA ILE E 28 23.68 35.86 13.66
C ILE E 28 24.60 35.07 12.73
N LYS E 29 25.90 35.33 12.81
CA LYS E 29 26.87 34.78 11.87
C LYS E 29 26.68 33.28 11.67
N VAL E 30 27.01 32.79 10.47
CA VAL E 30 26.75 31.39 10.13
C VAL E 30 27.50 30.46 11.06
N SER E 31 28.77 30.77 11.36
CA SER E 31 29.57 29.90 12.22
C SER E 31 28.91 29.75 13.59
N LYS E 32 28.26 30.81 14.07
CA LYS E 32 27.51 30.70 15.32
C LYS E 32 26.35 29.73 15.17
N ALA E 33 25.66 29.78 14.02
CA ALA E 33 24.54 28.88 13.79
C ALA E 33 24.99 27.43 13.74
N ALA E 34 26.12 27.16 13.09
CA ALA E 34 26.61 25.79 13.00
C ALA E 34 26.92 25.21 14.37
N ALA E 35 27.54 26.02 15.24
CA ALA E 35 27.88 25.54 16.57
C ALA E 35 26.63 25.16 17.35
N ASP E 36 25.55 25.94 17.20
CA ASP E 36 24.32 25.64 17.92
C ASP E 36 23.74 24.30 17.50
N LEU E 37 23.69 24.05 16.18
CA LEU E 37 23.19 22.76 15.71
C LEU E 37 24.09 21.62 16.16
N MET E 38 25.41 21.82 16.12
CA MET E 38 26.32 20.80 16.61
C MET E 38 26.06 20.48 18.08
N ALA E 39 25.92 21.50 18.92
CA ALA E 39 25.65 21.26 20.34
C ALA E 39 24.32 20.55 20.53
N TYR E 40 23.28 20.98 19.82
CA TYR E 40 21.98 20.35 19.97
C TYR E 40 21.99 18.89 19.56
N CYS E 41 22.65 18.55 18.44
CA CYS E 41 22.69 17.18 17.97
C CYS E 41 23.71 16.33 18.72
N GLU E 42 24.60 16.96 19.49
CA GLU E 42 25.49 16.21 20.39
C GLU E 42 24.82 15.91 21.72
N ALA E 43 24.01 16.84 22.24
CA ALA E 43 23.37 16.66 23.53
C ALA E 43 22.20 15.68 23.47
N HIS E 44 21.67 15.40 22.28
CA HIS E 44 20.53 14.50 22.11
C HIS E 44 20.92 13.22 21.37
N ALA E 45 22.20 12.85 21.44
CA ALA E 45 22.73 11.72 20.71
C ALA E 45 22.60 10.40 21.47
N LYS E 46 22.87 10.41 22.77
CA LYS E 46 22.80 9.18 23.55
C LYS E 46 21.38 8.60 23.57
N GLU E 47 20.37 9.43 23.32
CA GLU E 47 18.97 9.00 23.33
C GLU E 47 18.37 9.01 21.92
N ASP E 48 19.19 8.70 20.91
CA ASP E 48 18.72 8.63 19.53
C ASP E 48 18.80 7.18 19.06
N PRO E 49 17.71 6.43 19.07
CA PRO E 49 17.79 5.00 18.69
C PRO E 49 18.33 4.79 17.28
N LEU E 50 17.82 5.52 16.29
CA LEU E 50 18.26 5.33 14.91
C LEU E 50 19.74 5.58 14.75
N LEU E 51 20.34 6.39 15.62
CA LEU E 51 21.77 6.67 15.58
C LEU E 51 22.58 5.74 16.48
N THR E 52 22.01 5.36 17.63
CA THR E 52 22.62 4.39 18.54
C THR E 52 21.55 3.40 18.94
N PRO E 53 21.29 2.38 18.10
CA PRO E 53 20.15 1.48 18.37
C PRO E 53 20.02 0.75 19.70
N VAL E 54 18.79 0.68 20.20
CA VAL E 54 18.49 0.08 21.50
C VAL E 54 18.71 -1.42 21.42
N PRO E 55 19.07 -2.09 22.51
CA PRO E 55 19.14 -3.55 22.48
C PRO E 55 17.79 -4.17 22.12
N ALA E 56 17.85 -5.35 21.51
CA ALA E 56 16.65 -5.98 20.97
C ALA E 56 15.56 -6.14 22.02
N SER E 57 15.93 -6.30 23.29
CA SER E 57 14.93 -6.53 24.33
C SER E 57 13.94 -5.37 24.39
N GLU E 58 14.44 -4.15 24.50
CA GLU E 58 13.56 -2.99 24.62
C GLU E 58 12.97 -2.59 23.27
N ASN E 59 13.65 -2.91 22.17
CA ASN E 59 13.25 -2.47 20.85
C ASN E 59 11.81 -2.90 20.60
N PRO E 60 10.85 -1.96 20.48
CA PRO E 60 9.47 -2.34 20.19
C PRO E 60 9.28 -3.00 18.83
N PHE E 61 10.20 -2.80 17.90
CA PHE E 61 10.13 -3.43 16.58
C PHE E 61 11.11 -4.58 16.47
O5' 6MD F . 9.54 -39.94 -20.60
C5' 6MD F . 9.37 -39.81 -19.21
C4' 6MD F . 10.69 -40.05 -18.54
O4' 6MD F . 11.00 -41.44 -18.62
C3' 6MD F . 11.86 -39.28 -19.14
O3' 6MD F . 12.36 -38.39 -18.16
C2' 6MD F . 12.90 -40.34 -19.50
O2' 6MD F . 14.04 -40.24 -18.66
C1' 6MD F . 12.27 -41.68 -19.15
N9 6MD F . 12.11 -42.56 -20.27
C8 6MD F . 10.99 -42.71 -21.01
N7 6MD F . 11.01 -43.74 -21.82
C5 6MD F . 12.25 -44.30 -21.58
C6 6MD F . 12.86 -45.43 -22.08
N6 6MD F . 12.08 -46.11 -22.91
N1 6MD F . 14.07 -45.75 -21.64
C2 6MD F . 14.63 -44.96 -20.72
N3 6MD F . 14.14 -43.85 -20.17
C4 6MD F . 12.94 -43.58 -20.64
CZ 6MD F . 12.49 -47.31 -23.58
#